data_9MFR
#
_entry.id   9MFR
#
_cell.length_a   85.882
_cell.length_b   85.882
_cell.length_c   346.510
_cell.angle_alpha   90.00
_cell.angle_beta   90.00
_cell.angle_gamma   90.00
#
_symmetry.space_group_name_H-M   'P 43 21 2'
#
loop_
_entity.id
_entity.type
_entity.pdbx_description
1 polymer 'RNA helicase'
2 non-polymer N-[3-bromo-5-(methanesulfonamido)phenyl]-4-phenylthiophene-2-carboxamide
3 non-polymer "ADENOSINE-5'-DIPHOSPHATE"
4 non-polymer 'MAGNESIUM ION'
5 non-polymer 1,2-ETHANEDIOL
6 non-polymer 'SULFATE ION'
7 non-polymer 'CHLORIDE ION'
8 water water
#
_entity_poly.entity_id   1
_entity_poly.type   'polypeptide(L)'
_entity_poly.pdbx_seq_one_letter_code
;MSRKEEQEVQATLESEEVDLNAGLHGNWTLENAKARLNQYFQKEKIQGEYKYTQVGPDHNRSFIAEMTIYIKQLGRRIFA
REHGSNKKLAAQSCALSLVRQLYHLGVIEAYSGLTKKKEGETVEPYKVNLSQDLEHQLQNVIQELNLEIVPPPEDPFLPV
VLNLGKLAHFEPSQRQNQIGVVPWSPPQSNWNPWTSSNIDEGPLAYATPEQISMDLKNELMYQLEQDHDLQAILQERELL
PVKKFESEILEAISQNSVIIIRGATGCGKTTQVPQFILDDFIQNDRAAECNIVVTQPRRISAVSVAERVAYERGEEPGKS
CGYSVRFESVLPRPHASIMFCTVGVLLRKLEAGIRGISHVIVDEIHERDINTDFLLVVLRDVVQAYPEVRIVLMSATIDT
SMFCEYFFNCPIIEVYGRTYPVQEYFLEDCIQMTHFVPPPKDKKKKEKDDDGFEDDDANCNLICGDEYGPETRMSMAQLN
EKETPFELIEALLKYIETLNVPGAVLVFLPGWNLIYTMQKHLEMNPHFGSHRYQILPLHSQIPREEQRKVFDPVPSGVTK
VILSTNIAETSITINDVVYVIDSCKQKVKLFTAHNNMTNYATVWASKTNLEQRKGRAGRVRPGFCFHLCSRARFERLETH
MTPEMFRTPLHEIALSIKLLRLGGIGQFLAKAIEPPPLDAVIEAEHTLRELDALDANDELTPLGRILAKLPIEPRFGKMM
IMGCIFYVGDAVCTISAATCFPEPFISEGKRLGYVHRNFAGNRFSDHVALLSVFQAWDDARMGGEEAEIRFCEHKRLNMA
TLRMTWEAKVQLKEILINSGFPEDCLLTQVFTNTGPDNNLDVVISLLAFGVYPNVCYHKEKRKILTTEGRNALIHKSSVN
CPFSSQDMKYPSPFFVFGEKIRTRAISAKGMTLVTPLQLLLFASKKVQSDGQIVLVDDWIRLQISHEAAACITALRAAME
ALVVEVTKQPNIISQLDPVNEHMLNMIRQISRPSAAGINLMIDYKDDDDK
;
_entity_poly.pdbx_strand_id   A
#
loop_
_chem_comp.id
_chem_comp.type
_chem_comp.name
_chem_comp.formula
A1BKY non-polymer N-[3-bromo-5-(methanesulfonamido)phenyl]-4-phenylthiophene-2-carboxamide 'C18 H15 Br N2 O3 S2'
ADP non-polymer ADENOSINE-5'-DIPHOSPHATE 'C10 H15 N5 O10 P2'
CL non-polymer 'CHLORIDE ION' 'Cl -1'
EDO non-polymer 1,2-ETHANEDIOL 'C2 H6 O2'
MG non-polymer 'MAGNESIUM ION' 'Mg 2'
SO4 non-polymer 'SULFATE ION' 'O4 S -2'
#
# COMPACT_ATOMS: atom_id res chain seq x y z
N GLU A 124 -15.96 -19.89 28.18
CA GLU A 124 -16.25 -21.34 28.42
C GLU A 124 -15.83 -22.16 27.20
N PRO A 125 -15.54 -23.47 27.34
CA PRO A 125 -15.12 -24.29 26.21
C PRO A 125 -16.25 -24.50 25.19
N TYR A 126 -16.02 -24.18 23.91
CA TYR A 126 -16.99 -24.35 22.81
C TYR A 126 -17.07 -25.82 22.40
N LYS A 127 -18.29 -26.37 22.36
CA LYS A 127 -18.57 -27.80 22.05
C LYS A 127 -18.58 -27.98 20.53
N VAL A 128 -17.69 -28.83 20.01
CA VAL A 128 -17.56 -29.12 18.57
C VAL A 128 -18.25 -30.46 18.30
N ASN A 129 -19.27 -30.47 17.44
CA ASN A 129 -20.03 -31.69 17.06
C ASN A 129 -19.55 -32.17 15.69
N LEU A 130 -18.54 -33.04 15.70
CA LEU A 130 -18.02 -33.73 14.49
C LEU A 130 -18.42 -35.21 14.60
N SER A 131 -18.72 -35.86 13.48
CA SER A 131 -19.35 -37.22 13.40
C SER A 131 -18.33 -38.30 13.79
N GLN A 132 -18.77 -39.55 13.93
CA GLN A 132 -17.88 -40.69 14.24
C GLN A 132 -17.11 -41.08 12.97
N ASP A 133 -17.77 -40.99 11.81
CA ASP A 133 -17.18 -41.34 10.48
C ASP A 133 -16.04 -40.36 10.15
N LEU A 134 -16.20 -39.07 10.47
CA LEU A 134 -15.16 -38.06 10.23
C LEU A 134 -13.98 -38.33 11.18
N GLU A 135 -14.27 -38.60 12.47
CA GLU A 135 -13.25 -38.98 13.50
C GLU A 135 -12.29 -40.01 12.89
N HIS A 136 -12.87 -41.06 12.29
CA HIS A 136 -12.17 -42.28 11.81
C HIS A 136 -11.44 -42.00 10.49
N GLN A 137 -12.11 -41.33 9.55
CA GLN A 137 -11.50 -40.94 8.26
C GLN A 137 -10.24 -40.09 8.52
N LEU A 138 -10.30 -39.17 9.49
CA LEU A 138 -9.13 -38.34 9.90
C LEU A 138 -8.01 -39.26 10.40
N GLN A 139 -8.35 -40.25 11.22
CA GLN A 139 -7.36 -41.17 11.84
C GLN A 139 -6.74 -42.07 10.75
N ASN A 140 -7.56 -42.45 9.75
CA ASN A 140 -7.11 -43.36 8.65
C ASN A 140 -6.19 -42.59 7.71
N VAL A 141 -6.41 -41.29 7.51
CA VAL A 141 -5.54 -40.44 6.65
C VAL A 141 -4.19 -40.25 7.37
N ILE A 142 -4.23 -39.91 8.66
CA ILE A 142 -3.02 -39.86 9.55
C ILE A 142 -2.33 -41.24 9.61
N GLN A 143 -3.08 -42.35 9.52
CA GLN A 143 -2.51 -43.72 9.42
C GLN A 143 -1.69 -43.84 8.14
N GLU A 144 -2.29 -43.44 7.01
CA GLU A 144 -1.77 -43.60 5.62
C GLU A 144 -0.59 -42.62 5.41
N LEU A 145 -0.57 -41.48 6.11
CA LEU A 145 0.55 -40.51 6.09
C LEU A 145 1.70 -41.01 6.99
N ASN A 146 1.55 -42.18 7.60
CA ASN A 146 2.53 -42.72 8.58
C ASN A 146 2.97 -41.58 9.51
N LEU A 147 2.04 -41.02 10.28
CA LEU A 147 2.25 -39.76 11.04
C LEU A 147 1.92 -39.92 12.52
N GLU A 148 2.53 -39.09 13.37
CA GLU A 148 2.56 -39.24 14.85
C GLU A 148 1.33 -38.56 15.48
N ILE A 149 0.28 -39.34 15.74
CA ILE A 149 -0.91 -38.91 16.53
C ILE A 149 -0.49 -38.73 18.00
N VAL A 150 0.11 -37.57 18.32
CA VAL A 150 0.65 -37.24 19.68
C VAL A 150 -0.35 -37.72 20.73
N PRO A 151 -0.06 -38.83 21.45
CA PRO A 151 -1.04 -39.45 22.35
C PRO A 151 -1.52 -38.57 23.50
N PRO A 152 -2.61 -38.95 24.21
CA PRO A 152 -3.19 -38.11 25.27
C PRO A 152 -2.44 -38.19 26.59
N PRO A 153 -2.54 -37.16 27.47
CA PRO A 153 -1.79 -37.16 28.73
C PRO A 153 -2.33 -38.19 29.73
N GLU A 154 -1.60 -38.42 30.82
CA GLU A 154 -2.02 -39.29 31.96
C GLU A 154 -2.77 -38.42 32.96
N ASP A 155 -2.13 -37.32 33.38
CA ASP A 155 -2.63 -36.32 34.36
C ASP A 155 -3.32 -35.18 33.60
N PRO A 156 -4.66 -35.04 33.67
CA PRO A 156 -5.38 -33.96 32.98
C PRO A 156 -4.88 -32.52 33.21
N PHE A 157 -3.91 -32.31 34.12
CA PHE A 157 -3.28 -30.99 34.42
C PHE A 157 -1.85 -30.96 33.85
N LEU A 158 -1.51 -31.91 32.98
CA LEU A 158 -0.23 -31.99 32.22
C LEU A 158 -0.55 -31.89 30.73
N PRO A 159 -1.00 -30.72 30.23
CA PRO A 159 -1.50 -30.61 28.86
C PRO A 159 -0.37 -30.71 27.83
N VAL A 160 -0.49 -31.60 26.85
CA VAL A 160 0.59 -31.92 25.86
C VAL A 160 0.37 -31.12 24.57
N VAL A 161 1.46 -30.62 23.98
CA VAL A 161 1.50 -29.84 22.72
C VAL A 161 1.24 -30.79 21.54
N LEU A 162 0.18 -30.51 20.77
CA LEU A 162 -0.27 -31.31 19.60
C LEU A 162 0.54 -30.94 18.35
N ASN A 163 1.16 -29.76 18.37
CA ASN A 163 1.92 -29.16 17.23
C ASN A 163 3.07 -30.07 16.83
N LEU A 164 2.88 -30.74 15.69
CA LEU A 164 3.94 -31.44 14.92
C LEU A 164 4.93 -30.38 14.46
N GLY A 165 6.23 -30.55 14.75
CA GLY A 165 7.31 -29.82 14.07
C GLY A 165 7.20 -30.01 12.56
N LYS A 166 8.06 -29.36 11.78
CA LYS A 166 8.10 -29.48 10.29
C LYS A 166 8.29 -30.96 9.91
N LEU A 167 7.57 -31.45 8.88
CA LEU A 167 7.62 -32.86 8.41
C LEU A 167 8.38 -32.96 7.07
N ALA A 168 9.01 -31.87 6.63
CA ALA A 168 9.70 -31.75 5.31
C ALA A 168 10.33 -30.36 5.21
N HIS A 169 11.51 -30.27 4.61
CA HIS A 169 12.38 -29.05 4.58
C HIS A 169 13.10 -28.96 3.23
N PHE A 170 13.62 -27.76 2.92
CA PHE A 170 14.51 -27.50 1.76
C PHE A 170 15.95 -27.79 2.19
N GLU A 171 16.70 -28.53 1.34
CA GLU A 171 18.13 -28.87 1.55
C GLU A 171 18.93 -27.57 1.71
N PRO A 172 19.33 -27.19 2.96
CA PRO A 172 19.94 -25.88 3.18
C PRO A 172 21.08 -25.58 2.20
N SER A 173 21.30 -24.30 1.88
CA SER A 173 22.32 -23.80 0.92
C SER A 173 23.49 -23.15 1.69
N GLN A 174 24.64 -22.97 1.03
CA GLN A 174 25.82 -22.24 1.59
C GLN A 174 25.61 -20.73 1.34
N ARG A 175 26.06 -19.90 2.29
CA ARG A 175 25.66 -18.47 2.44
C ARG A 175 26.09 -17.62 1.23
N ILE A 179 28.37 -10.08 0.04
CA ILE A 179 27.59 -8.89 -0.43
C ILE A 179 27.77 -8.72 -1.96
N GLY A 180 26.67 -8.88 -2.71
CA GLY A 180 26.59 -8.73 -4.16
C GLY A 180 26.24 -7.31 -4.55
N VAL A 181 26.54 -6.92 -5.80
CA VAL A 181 26.22 -5.58 -6.35
C VAL A 181 25.25 -5.79 -7.51
N VAL A 182 24.23 -4.96 -7.62
CA VAL A 182 23.34 -4.99 -8.80
C VAL A 182 24.18 -4.50 -9.99
N PRO A 183 24.34 -5.31 -11.06
CA PRO A 183 25.12 -4.86 -12.21
C PRO A 183 24.43 -3.74 -12.99
N TRP A 184 25.23 -2.95 -13.69
CA TRP A 184 24.77 -1.82 -14.53
C TRP A 184 25.39 -1.93 -15.92
N SER A 185 24.63 -1.49 -16.92
CA SER A 185 25.11 -1.30 -18.32
C SER A 185 24.32 -0.18 -18.99
N PRO A 186 24.99 0.61 -19.86
CA PRO A 186 24.39 1.82 -20.42
C PRO A 186 23.39 1.53 -21.54
N PRO A 187 22.65 2.55 -22.01
CA PRO A 187 21.68 2.37 -23.08
C PRO A 187 22.37 1.87 -24.35
N GLN A 188 21.66 1.06 -25.14
CA GLN A 188 22.10 0.70 -26.50
C GLN A 188 20.89 0.45 -27.42
N SER A 189 21.12 0.72 -28.71
CA SER A 189 20.11 1.05 -29.74
C SER A 189 19.19 -0.14 -30.03
N ASN A 190 19.68 -1.36 -29.84
CA ASN A 190 18.92 -2.58 -30.21
C ASN A 190 18.32 -3.23 -28.95
N TRP A 191 18.22 -2.49 -27.85
CA TRP A 191 17.73 -3.01 -26.54
C TRP A 191 16.54 -2.18 -26.09
N ASN A 192 15.46 -2.86 -25.68
CA ASN A 192 14.33 -2.21 -24.98
C ASN A 192 14.57 -2.40 -23.49
N PRO A 193 15.02 -1.35 -22.78
CA PRO A 193 15.32 -1.49 -21.35
C PRO A 193 14.06 -1.71 -20.53
N TRP A 194 12.92 -1.23 -21.03
CA TRP A 194 11.63 -1.28 -20.29
C TRP A 194 11.08 -2.70 -20.29
N THR A 195 11.19 -3.41 -21.43
CA THR A 195 10.75 -4.81 -21.55
C THR A 195 11.91 -5.78 -21.32
N SER A 196 13.13 -5.27 -21.17
CA SER A 196 14.36 -6.08 -20.92
C SER A 196 14.51 -7.16 -22.00
N SER A 197 14.46 -6.75 -23.27
CA SER A 197 14.47 -7.68 -24.43
C SER A 197 15.12 -7.01 -25.64
N ASN A 198 15.74 -7.82 -26.51
CA ASN A 198 16.34 -7.34 -27.78
C ASN A 198 15.23 -6.79 -28.66
N ILE A 199 15.50 -5.71 -29.39
CA ILE A 199 14.64 -5.23 -30.50
C ILE A 199 15.10 -5.99 -31.75
N ASP A 200 14.27 -6.90 -32.28
CA ASP A 200 14.60 -7.83 -33.40
C ASP A 200 13.73 -7.50 -34.63
N GLU A 201 12.43 -7.28 -34.44
CA GLU A 201 11.51 -6.77 -35.48
C GLU A 201 11.70 -5.26 -35.59
N GLY A 202 11.50 -4.71 -36.79
CA GLY A 202 11.33 -3.26 -37.02
C GLY A 202 12.64 -2.56 -37.37
N PRO A 203 12.58 -1.29 -37.82
CA PRO A 203 13.77 -0.53 -38.22
C PRO A 203 14.85 -0.42 -37.13
N LEU A 204 14.45 -0.44 -35.85
CA LEU A 204 15.32 -0.08 -34.70
C LEU A 204 16.20 -1.27 -34.32
N ALA A 205 15.98 -2.44 -34.95
CA ALA A 205 16.76 -3.68 -34.75
C ALA A 205 18.22 -3.50 -35.22
N TYR A 206 18.39 -2.80 -36.35
CA TYR A 206 19.71 -2.57 -37.01
C TYR A 206 20.07 -1.08 -37.03
N ALA A 207 19.08 -0.18 -36.94
CA ALA A 207 19.29 1.29 -36.98
C ALA A 207 20.46 1.67 -36.08
N THR A 208 21.27 2.62 -36.53
CA THR A 208 22.49 3.06 -35.83
C THR A 208 22.09 4.14 -34.82
N PRO A 209 22.81 4.26 -33.67
CA PRO A 209 22.52 5.32 -32.69
C PRO A 209 22.43 6.72 -33.31
N GLU A 210 23.35 7.05 -34.22
CA GLU A 210 23.41 8.35 -34.93
C GLU A 210 22.07 8.59 -35.66
N GLN A 211 21.55 7.56 -36.33
CA GLN A 211 20.28 7.60 -37.10
C GLN A 211 19.13 7.93 -36.14
N ILE A 212 19.00 7.12 -35.09
CA ILE A 212 17.91 7.23 -34.08
C ILE A 212 17.93 8.66 -33.52
N SER A 213 19.11 9.18 -33.18
CA SER A 213 19.30 10.51 -32.53
C SER A 213 18.89 11.64 -33.48
N MET A 214 19.31 11.53 -34.76
CA MET A 214 19.02 12.52 -35.84
C MET A 214 17.49 12.57 -36.00
N ASP A 215 16.86 11.40 -36.13
CA ASP A 215 15.40 11.23 -36.38
C ASP A 215 14.59 11.86 -35.24
N LEU A 216 14.99 11.63 -33.98
CA LEU A 216 14.25 12.11 -32.79
C LEU A 216 14.44 13.62 -32.68
N LYS A 217 15.65 14.12 -32.95
CA LYS A 217 15.93 15.57 -32.97
C LYS A 217 15.07 16.26 -34.03
N ASN A 218 15.10 15.77 -35.27
CA ASN A 218 14.32 16.34 -36.42
C ASN A 218 12.83 16.39 -36.02
N GLU A 219 12.31 15.28 -35.46
CA GLU A 219 10.87 15.12 -35.08
C GLU A 219 10.53 16.21 -34.06
N LEU A 220 11.44 16.52 -33.13
CA LEU A 220 11.19 17.41 -31.97
C LEU A 220 11.20 18.86 -32.45
N MET A 221 12.22 19.26 -33.21
CA MET A 221 12.35 20.64 -33.76
C MET A 221 11.10 20.94 -34.61
N TYR A 222 10.64 19.98 -35.42
CA TYR A 222 9.48 20.17 -36.34
C TYR A 222 8.20 20.39 -35.53
N GLN A 223 8.00 19.58 -34.49
CA GLN A 223 6.85 19.67 -33.54
C GLN A 223 6.82 21.09 -32.94
N LEU A 224 7.99 21.59 -32.49
CA LEU A 224 8.15 22.86 -31.74
C LEU A 224 7.82 24.05 -32.64
N GLU A 225 8.13 23.98 -33.94
CA GLU A 225 7.95 25.12 -34.87
C GLU A 225 6.52 25.09 -35.43
N GLN A 226 5.79 23.98 -35.28
CA GLN A 226 4.44 23.77 -35.86
C GLN A 226 3.33 23.95 -34.81
N ASP A 227 3.56 23.61 -33.53
CA ASP A 227 2.47 23.50 -32.52
C ASP A 227 2.48 24.74 -31.62
N HIS A 228 1.45 25.57 -31.73
CA HIS A 228 1.33 26.89 -31.05
C HIS A 228 0.91 26.68 -29.60
N ASP A 229 0.02 25.72 -29.34
CA ASP A 229 -0.35 25.31 -27.96
C ASP A 229 0.90 24.77 -27.25
N LEU A 230 1.81 24.09 -27.96
CA LEU A 230 3.07 23.52 -27.41
C LEU A 230 4.06 24.66 -27.09
N GLN A 231 4.24 25.60 -28.02
CA GLN A 231 5.13 26.78 -27.83
C GLN A 231 4.68 27.51 -26.56
N ALA A 232 3.37 27.68 -26.37
CA ALA A 232 2.80 28.40 -25.20
C ALA A 232 3.18 27.67 -23.90
N ILE A 233 3.14 26.33 -23.91
CA ILE A 233 3.42 25.44 -22.73
C ILE A 233 4.91 25.53 -22.37
N LEU A 234 5.80 25.42 -23.36
CA LEU A 234 7.26 25.67 -23.22
C LEU A 234 7.53 27.04 -22.61
N GLN A 235 6.76 28.07 -23.00
CA GLN A 235 6.91 29.45 -22.45
C GLN A 235 6.63 29.45 -20.94
N GLU A 236 5.60 28.71 -20.52
CA GLU A 236 5.31 28.47 -19.07
C GLU A 236 6.48 27.73 -18.42
N ARG A 237 7.05 26.71 -19.09
CA ARG A 237 8.16 25.89 -18.55
C ARG A 237 9.32 26.84 -18.25
N GLU A 238 9.59 27.76 -19.18
CA GLU A 238 10.83 28.59 -19.18
C GLU A 238 10.76 29.63 -18.07
N LEU A 239 9.60 29.82 -17.43
CA LEU A 239 9.44 30.76 -16.29
C LEU A 239 9.55 30.07 -14.93
N LEU A 240 9.63 28.73 -14.86
CA LEU A 240 9.77 28.00 -13.57
C LEU A 240 11.13 28.32 -12.95
N PRO A 241 11.18 28.65 -11.66
CA PRO A 241 12.43 28.91 -10.96
C PRO A 241 13.64 28.05 -11.36
N VAL A 242 13.44 26.75 -11.60
CA VAL A 242 14.54 25.77 -11.86
C VAL A 242 15.21 26.08 -13.21
N LYS A 243 14.52 26.79 -14.11
CA LYS A 243 15.00 27.01 -15.51
C LYS A 243 16.35 27.73 -15.54
N LYS A 244 16.47 28.77 -14.71
CA LYS A 244 17.69 29.59 -14.46
C LYS A 244 18.89 28.71 -14.10
N PHE A 245 18.70 27.51 -13.51
CA PHE A 245 19.81 26.64 -13.02
C PHE A 245 20.07 25.49 -14.00
N GLU A 246 19.47 25.53 -15.19
CA GLU A 246 19.48 24.41 -16.16
C GLU A 246 20.93 24.05 -16.51
N SER A 247 21.69 25.03 -16.99
CA SER A 247 23.12 24.87 -17.37
C SER A 247 23.91 24.29 -16.18
N GLU A 248 23.79 24.88 -14.99
CA GLU A 248 24.56 24.45 -13.80
C GLU A 248 24.21 22.99 -13.47
N ILE A 249 22.92 22.64 -13.41
CA ILE A 249 22.43 21.25 -13.16
C ILE A 249 23.11 20.29 -14.14
N LEU A 250 23.11 20.62 -15.44
CA LEU A 250 23.57 19.69 -16.51
C LEU A 250 25.09 19.49 -16.45
N GLU A 251 25.86 20.53 -16.14
CA GLU A 251 27.33 20.44 -15.89
C GLU A 251 27.58 19.46 -14.74
N ALA A 252 26.97 19.72 -13.59
CA ALA A 252 27.14 18.93 -12.35
C ALA A 252 26.89 17.44 -12.65
N ILE A 253 25.81 17.09 -13.34
CA ILE A 253 25.47 15.66 -13.64
C ILE A 253 26.55 15.07 -14.55
N SER A 254 26.90 15.77 -15.63
CA SER A 254 27.89 15.29 -16.64
C SER A 254 29.25 15.01 -15.96
N GLN A 255 29.61 15.76 -14.93
CA GLN A 255 30.94 15.65 -14.26
C GLN A 255 30.91 14.71 -13.03
N ASN A 256 29.76 14.48 -12.39
CA ASN A 256 29.67 13.69 -11.13
C ASN A 256 28.74 12.47 -11.29
N SER A 257 29.19 11.32 -10.83
CA SER A 257 28.38 10.08 -10.66
C SER A 257 27.07 10.36 -9.91
N VAL A 258 27.10 11.15 -8.84
CA VAL A 258 25.94 11.45 -7.97
C VAL A 258 25.92 12.95 -7.72
N ILE A 259 24.75 13.58 -7.86
CA ILE A 259 24.49 14.95 -7.35
C ILE A 259 23.21 14.94 -6.52
N ILE A 260 23.03 15.99 -5.73
CA ILE A 260 21.76 16.35 -5.03
C ILE A 260 21.28 17.67 -5.63
N ILE A 261 20.03 17.71 -6.06
CA ILE A 261 19.37 19.01 -6.40
C ILE A 261 18.45 19.32 -5.23
N ARG A 262 18.64 20.47 -4.60
CA ARG A 262 17.92 20.92 -3.41
C ARG A 262 17.22 22.22 -3.75
N GLY A 263 15.96 22.38 -3.33
CA GLY A 263 15.23 23.62 -3.54
C GLY A 263 13.79 23.51 -3.07
N ALA A 264 13.16 24.65 -2.85
CA ALA A 264 11.76 24.74 -2.38
C ALA A 264 10.84 23.97 -3.35
N THR A 265 9.81 23.35 -2.78
CA THR A 265 8.65 22.75 -3.47
C THR A 265 8.05 23.80 -4.41
N GLY A 266 8.01 23.50 -5.71
CA GLY A 266 7.36 24.34 -6.72
C GLY A 266 8.36 24.99 -7.65
N CYS A 267 9.66 24.75 -7.44
CA CYS A 267 10.75 25.31 -8.29
C CYS A 267 10.71 24.64 -9.66
N GLY A 268 10.31 23.36 -9.73
CA GLY A 268 10.22 22.56 -10.96
C GLY A 268 11.26 21.46 -11.04
N LYS A 269 11.70 20.91 -9.91
CA LYS A 269 12.71 19.82 -9.91
C LYS A 269 12.11 18.60 -10.63
N THR A 270 10.97 18.13 -10.13
CA THR A 270 10.30 16.87 -10.53
C THR A 270 9.91 16.92 -12.01
N THR A 271 9.23 17.97 -12.46
CA THR A 271 8.71 17.98 -13.85
C THR A 271 9.82 18.37 -14.83
N GLN A 272 10.77 19.23 -14.45
CA GLN A 272 11.70 19.82 -15.44
C GLN A 272 13.01 19.04 -15.55
N VAL A 273 13.59 18.55 -14.45
CA VAL A 273 14.98 18.02 -14.49
C VAL A 273 15.07 16.82 -15.42
N PRO A 274 14.16 15.83 -15.37
CA PRO A 274 14.21 14.71 -16.32
C PRO A 274 14.18 15.21 -17.77
N GLN A 275 13.37 16.24 -18.03
CA GLN A 275 13.26 16.88 -19.37
C GLN A 275 14.57 17.59 -19.74
N PHE A 276 15.17 18.35 -18.82
CA PHE A 276 16.44 19.09 -19.07
C PHE A 276 17.50 18.11 -19.58
N ILE A 277 17.63 16.96 -18.92
CA ILE A 277 18.61 15.89 -19.24
C ILE A 277 18.32 15.31 -20.61
N LEU A 278 17.08 14.90 -20.86
CA LEU A 278 16.68 14.23 -22.13
C LEU A 278 16.99 15.20 -23.28
N ASP A 279 16.49 16.42 -23.17
CA ASP A 279 16.59 17.45 -24.24
C ASP A 279 18.05 17.81 -24.45
N ASP A 280 18.87 17.87 -23.39
CA ASP A 280 20.33 18.01 -23.52
C ASP A 280 20.85 16.96 -24.53
N PHE A 281 20.57 15.68 -24.31
CA PHE A 281 20.97 14.55 -25.21
C PHE A 281 20.34 14.73 -26.61
N ILE A 282 19.03 14.97 -26.68
CA ILE A 282 18.32 15.10 -27.99
C ILE A 282 19.04 16.20 -28.79
N GLN A 283 19.15 17.41 -28.22
CA GLN A 283 19.67 18.63 -28.89
C GLN A 283 21.17 18.50 -29.24
N ASN A 284 21.91 17.60 -28.58
CA ASN A 284 23.36 17.38 -28.84
C ASN A 284 23.57 16.07 -29.62
N ASP A 285 22.54 15.62 -30.35
CA ASP A 285 22.63 14.49 -31.33
C ASP A 285 23.04 13.17 -30.66
N ARG A 286 22.58 12.92 -29.44
CA ARG A 286 22.90 11.70 -28.67
C ARG A 286 21.64 11.16 -27.98
N ALA A 287 20.45 11.50 -28.49
CA ALA A 287 19.14 11.08 -27.97
C ALA A 287 19.16 9.59 -27.63
N ALA A 288 19.83 8.78 -28.44
CA ALA A 288 19.91 7.30 -28.29
C ALA A 288 20.62 6.88 -27.00
N GLU A 289 21.47 7.73 -26.43
CA GLU A 289 22.33 7.37 -25.26
C GLU A 289 21.60 7.61 -23.94
N CYS A 290 20.32 7.99 -23.97
CA CYS A 290 19.58 8.51 -22.79
C CYS A 290 18.29 7.70 -22.54
N ASN A 291 18.26 7.02 -21.39
CA ASN A 291 17.08 6.34 -20.81
C ASN A 291 17.13 6.62 -19.30
N ILE A 292 16.14 7.34 -18.80
CA ILE A 292 16.06 7.82 -17.39
C ILE A 292 14.97 7.02 -16.66
N VAL A 293 15.33 6.46 -15.51
CA VAL A 293 14.41 5.97 -14.45
C VAL A 293 14.24 7.12 -13.46
N VAL A 294 13.01 7.56 -13.19
CA VAL A 294 12.66 8.50 -12.09
C VAL A 294 11.79 7.75 -11.08
N THR A 295 12.28 7.60 -9.85
CA THR A 295 11.53 6.94 -8.76
C THR A 295 10.71 7.99 -8.03
N GLN A 296 9.55 7.59 -7.53
CA GLN A 296 8.64 8.47 -6.77
C GLN A 296 8.21 7.65 -5.57
N PRO A 297 8.04 8.25 -4.38
CA PRO A 297 7.63 7.46 -3.23
C PRO A 297 6.14 7.07 -3.26
N ARG A 298 5.32 7.62 -4.14
CA ARG A 298 3.86 7.29 -4.19
C ARG A 298 3.44 6.84 -5.59
N ARG A 299 2.52 5.86 -5.68
CA ARG A 299 1.79 5.48 -6.92
C ARG A 299 1.20 6.73 -7.62
N ILE A 300 0.56 7.62 -6.88
CA ILE A 300 -0.15 8.79 -7.45
C ILE A 300 0.89 9.73 -8.10
N SER A 301 2.08 9.89 -7.51
CA SER A 301 3.11 10.79 -8.07
C SER A 301 3.66 10.19 -9.36
N ALA A 302 4.02 8.91 -9.40
CA ALA A 302 4.61 8.26 -10.60
C ALA A 302 3.65 8.42 -11.80
N VAL A 303 2.35 8.23 -11.57
CA VAL A 303 1.33 8.29 -12.67
C VAL A 303 1.11 9.75 -13.07
N SER A 304 0.89 10.65 -12.11
CA SER A 304 0.54 12.08 -12.31
C SER A 304 1.68 12.82 -13.00
N VAL A 305 2.90 12.55 -12.54
CA VAL A 305 4.11 13.20 -13.11
C VAL A 305 4.30 12.72 -14.54
N ALA A 306 4.18 11.42 -14.79
CA ALA A 306 4.29 10.87 -16.16
C ALA A 306 3.27 11.60 -17.05
N GLU A 307 2.02 11.76 -16.60
CA GLU A 307 0.95 12.41 -17.40
C GLU A 307 1.29 13.89 -17.59
N ARG A 308 1.79 14.54 -16.55
CA ARG A 308 2.08 15.99 -16.55
C ARG A 308 3.26 16.25 -17.48
N VAL A 309 4.32 15.45 -17.39
CA VAL A 309 5.52 15.60 -18.24
C VAL A 309 5.13 15.26 -19.67
N ALA A 310 4.42 14.17 -19.92
CA ALA A 310 3.92 13.87 -21.27
C ALA A 310 3.18 15.09 -21.84
N TYR A 311 2.22 15.64 -21.08
CA TYR A 311 1.42 16.83 -21.48
C TYR A 311 2.35 17.99 -21.82
N GLU A 312 3.42 18.19 -21.05
CA GLU A 312 4.40 19.29 -21.25
C GLU A 312 5.18 19.05 -22.55
N ARG A 313 5.28 17.80 -23.02
CA ARG A 313 6.02 17.48 -24.26
C ARG A 313 5.04 17.29 -25.43
N GLY A 314 3.76 17.59 -25.22
CA GLY A 314 2.73 17.57 -26.26
C GLY A 314 2.27 16.16 -26.59
N GLU A 315 2.30 15.27 -25.59
CA GLU A 315 2.11 13.81 -25.75
C GLU A 315 1.16 13.27 -24.67
N GLU A 316 0.70 12.04 -24.83
CA GLU A 316 0.20 11.15 -23.76
C GLU A 316 1.31 10.18 -23.37
N PRO A 317 1.29 9.58 -22.16
CA PRO A 317 2.26 8.54 -21.82
C PRO A 317 2.28 7.44 -22.90
N GLY A 318 3.47 6.94 -23.23
CA GLY A 318 3.70 5.86 -24.21
C GLY A 318 4.68 6.26 -25.30
N LYS A 319 5.08 7.53 -25.35
CA LYS A 319 6.14 7.95 -26.29
C LYS A 319 7.41 8.24 -25.48
N SER A 320 7.74 9.50 -25.28
CA SER A 320 8.99 9.90 -24.56
C SER A 320 8.84 9.62 -23.06
N CYS A 321 7.61 9.55 -22.52
CA CYS A 321 7.33 9.33 -21.08
C CYS A 321 6.43 8.11 -20.90
N GLY A 322 6.59 7.41 -19.77
CA GLY A 322 5.75 6.27 -19.39
C GLY A 322 5.79 6.11 -17.89
N TYR A 323 5.05 5.14 -17.36
CA TYR A 323 5.01 4.93 -15.91
C TYR A 323 4.81 3.46 -15.64
N SER A 324 5.34 3.02 -14.50
CA SER A 324 5.19 1.65 -13.99
C SER A 324 5.02 1.71 -12.48
N VAL A 325 3.82 1.35 -12.01
CA VAL A 325 3.43 1.23 -10.59
C VAL A 325 2.98 -0.21 -10.38
N ARG A 326 2.66 -0.59 -9.15
CA ARG A 326 2.33 -2.00 -8.87
C ARG A 326 1.04 -2.28 -9.64
N PHE A 327 1.07 -3.26 -10.54
CA PHE A 327 -0.12 -3.76 -11.30
C PHE A 327 -0.61 -2.79 -12.37
N GLU A 328 0.17 -1.80 -12.77
CA GLU A 328 -0.25 -0.89 -13.89
C GLU A 328 0.97 -0.19 -14.47
N SER A 329 1.03 -0.15 -15.80
CA SER A 329 2.15 0.46 -16.56
C SER A 329 1.67 0.93 -17.94
N VAL A 330 2.27 2.03 -18.41
CA VAL A 330 2.30 2.41 -19.84
C VAL A 330 3.77 2.57 -20.22
N LEU A 331 4.35 1.61 -20.95
CA LEU A 331 5.79 1.64 -21.30
C LEU A 331 6.10 2.80 -22.21
N PRO A 332 7.21 3.52 -21.98
CA PRO A 332 7.70 4.48 -22.95
C PRO A 332 8.33 3.74 -24.14
N ARG A 333 8.61 4.49 -25.20
CA ARG A 333 9.42 4.01 -26.35
C ARG A 333 10.76 3.57 -25.79
N PRO A 334 11.51 2.66 -26.47
CA PRO A 334 12.77 2.12 -25.92
C PRO A 334 13.96 3.11 -25.93
N HIS A 335 13.87 4.18 -26.70
CA HIS A 335 14.97 5.16 -26.91
C HIS A 335 14.58 6.54 -26.42
N ALA A 336 15.52 7.25 -25.79
CA ALA A 336 15.40 8.68 -25.48
C ALA A 336 14.13 8.89 -24.66
N SER A 337 13.99 8.18 -23.54
CA SER A 337 12.70 8.06 -22.83
C SER A 337 12.91 8.01 -21.32
N ILE A 338 11.83 8.35 -20.60
CA ILE A 338 11.75 8.49 -19.12
C ILE A 338 10.64 7.57 -18.63
N MET A 339 10.97 6.65 -17.72
CA MET A 339 10.04 5.80 -16.95
C MET A 339 9.90 6.41 -15.56
N PHE A 340 8.73 6.95 -15.23
CA PHE A 340 8.36 7.33 -13.84
C PHE A 340 7.82 6.06 -13.17
N CYS A 341 8.34 5.71 -11.98
CA CYS A 341 7.91 4.48 -11.25
C CYS A 341 7.78 4.75 -9.75
N THR A 342 7.19 3.79 -9.04
CA THR A 342 7.39 3.58 -7.59
C THR A 342 8.66 2.75 -7.38
N VAL A 343 9.33 2.90 -6.23
CA VAL A 343 10.62 2.21 -6.00
C VAL A 343 10.37 0.71 -6.01
N GLY A 344 9.26 0.25 -5.44
CA GLY A 344 8.91 -1.19 -5.42
C GLY A 344 9.02 -1.82 -6.80
N VAL A 345 8.56 -1.11 -7.84
CA VAL A 345 8.57 -1.62 -9.24
C VAL A 345 10.05 -1.77 -9.66
N LEU A 346 10.82 -0.71 -9.61
CA LEU A 346 12.25 -0.78 -10.01
C LEU A 346 12.95 -1.93 -9.24
N LEU A 347 12.70 -2.11 -7.94
CA LEU A 347 13.35 -3.20 -7.17
C LEU A 347 13.01 -4.58 -7.73
N ARG A 348 11.73 -4.86 -8.03
CA ARG A 348 11.27 -6.20 -8.51
C ARG A 348 11.86 -6.44 -9.91
N LYS A 349 12.18 -5.39 -10.65
CA LYS A 349 12.74 -5.48 -12.02
C LYS A 349 14.27 -5.53 -12.03
N LEU A 350 14.94 -5.64 -10.87
CA LEU A 350 16.43 -5.50 -10.79
C LEU A 350 17.11 -6.87 -10.87
N GLU A 351 16.33 -7.95 -10.87
CA GLU A 351 16.84 -9.35 -10.80
C GLU A 351 17.91 -9.56 -11.88
N ALA A 352 17.87 -8.78 -12.97
CA ALA A 352 18.78 -8.91 -14.12
C ALA A 352 19.71 -7.69 -14.25
N GLY A 353 19.64 -6.77 -13.28
CA GLY A 353 20.46 -5.55 -13.22
C GLY A 353 19.79 -4.32 -13.81
N ILE A 354 20.49 -3.18 -13.78
CA ILE A 354 20.04 -1.92 -14.41
C ILE A 354 20.68 -1.88 -15.80
N ARG A 355 19.94 -2.36 -16.80
CA ARG A 355 20.44 -2.65 -18.17
C ARG A 355 19.82 -1.68 -19.16
N GLY A 356 20.62 -0.72 -19.65
CA GLY A 356 20.27 0.21 -20.75
C GLY A 356 19.78 1.55 -20.26
N ILE A 357 20.24 1.99 -19.08
CA ILE A 357 19.78 3.23 -18.38
C ILE A 357 21.00 4.12 -18.21
N SER A 358 20.90 5.41 -18.53
CA SER A 358 21.98 6.39 -18.36
C SER A 358 21.88 7.07 -16.99
N HIS A 359 20.66 7.20 -16.46
CA HIS A 359 20.35 8.12 -15.34
C HIS A 359 19.29 7.47 -14.44
N VAL A 360 19.53 7.45 -13.12
CA VAL A 360 18.51 7.13 -12.11
C VAL A 360 18.30 8.38 -11.25
N ILE A 361 17.16 9.02 -11.44
CA ILE A 361 16.72 10.18 -10.63
C ILE A 361 15.89 9.62 -9.50
N VAL A 362 16.32 9.83 -8.26
CA VAL A 362 15.55 9.43 -7.05
C VAL A 362 14.92 10.69 -6.47
N ASP A 363 13.59 10.80 -6.55
CA ASP A 363 12.86 12.05 -6.23
C ASP A 363 12.30 11.98 -4.81
N GLU A 364 12.14 13.16 -4.22
CA GLU A 364 11.52 13.41 -2.90
C GLU A 364 12.26 12.62 -1.80
N ILE A 365 13.61 12.62 -1.79
CA ILE A 365 14.41 11.81 -0.81
C ILE A 365 14.12 12.27 0.62
N HIS A 366 13.72 13.52 0.81
CA HIS A 366 13.40 14.11 2.14
C HIS A 366 12.16 13.45 2.75
N GLU A 367 11.29 12.82 1.99
CA GLU A 367 10.11 12.11 2.58
C GLU A 367 10.59 10.92 3.43
N ARG A 368 11.74 10.29 3.13
CA ARG A 368 12.22 9.12 3.90
C ARG A 368 11.20 8.00 3.76
N ASP A 369 10.64 7.85 2.57
CA ASP A 369 9.90 6.63 2.18
C ASP A 369 10.86 5.44 2.32
N ILE A 370 10.45 4.37 2.98
CA ILE A 370 11.35 3.25 3.36
C ILE A 370 12.02 2.62 2.12
N ASN A 371 11.25 2.39 1.04
CA ASN A 371 11.75 1.76 -0.20
C ASN A 371 12.77 2.69 -0.87
N THR A 372 12.59 4.00 -0.79
CA THR A 372 13.61 4.97 -1.29
C THR A 372 14.90 4.84 -0.44
N ASP A 373 14.82 4.89 0.90
CA ASP A 373 16.00 4.67 1.82
C ASP A 373 16.69 3.38 1.36
N PHE A 374 15.94 2.29 1.18
CA PHE A 374 16.47 0.97 0.76
C PHE A 374 17.18 1.09 -0.59
N LEU A 375 16.58 1.79 -1.54
CA LEU A 375 17.13 1.90 -2.92
C LEU A 375 18.47 2.66 -2.83
N LEU A 376 18.55 3.68 -1.99
CA LEU A 376 19.83 4.47 -1.84
C LEU A 376 20.98 3.54 -1.42
N VAL A 377 20.74 2.54 -0.57
CA VAL A 377 21.77 1.52 -0.21
C VAL A 377 22.20 0.80 -1.50
N VAL A 378 21.23 0.30 -2.29
CA VAL A 378 21.54 -0.47 -3.53
C VAL A 378 22.35 0.41 -4.47
N LEU A 379 21.87 1.62 -4.70
CA LEU A 379 22.45 2.55 -5.70
C LEU A 379 23.84 3.01 -5.24
N ARG A 380 24.10 3.09 -3.93
CA ARG A 380 25.45 3.52 -3.53
C ARG A 380 26.45 2.41 -3.91
N ASP A 381 26.13 1.14 -3.66
CA ASP A 381 27.00 0.04 -4.16
C ASP A 381 27.05 0.05 -5.70
N VAL A 382 25.96 0.39 -6.40
CA VAL A 382 25.99 0.42 -7.90
C VAL A 382 26.98 1.49 -8.36
N VAL A 383 26.93 2.69 -7.78
CA VAL A 383 27.67 3.88 -8.29
C VAL A 383 29.16 3.73 -7.94
N GLN A 384 29.49 3.03 -6.84
CA GLN A 384 30.89 2.70 -6.45
C GLN A 384 31.51 1.79 -7.51
N ALA A 385 30.81 0.75 -7.95
CA ALA A 385 31.29 -0.29 -8.88
C ALA A 385 31.18 0.13 -10.35
N TYR A 386 30.19 0.98 -10.70
CA TYR A 386 29.87 1.41 -12.09
C TYR A 386 29.73 2.92 -12.12
N PRO A 387 30.84 3.68 -12.00
CA PRO A 387 30.78 5.14 -11.86
C PRO A 387 30.29 5.93 -13.09
N GLU A 388 30.14 5.25 -14.25
CA GLU A 388 29.63 5.85 -15.50
C GLU A 388 28.12 6.06 -15.37
N VAL A 389 27.47 5.38 -14.43
CA VAL A 389 26.01 5.60 -14.18
C VAL A 389 25.86 7.02 -13.64
N ARG A 390 24.72 7.65 -13.86
CA ARG A 390 24.37 8.95 -13.25
C ARG A 390 23.20 8.73 -12.28
N ILE A 391 23.41 9.16 -11.04
CA ILE A 391 22.37 9.22 -9.99
C ILE A 391 22.12 10.70 -9.72
N VAL A 392 20.88 11.11 -9.73
CA VAL A 392 20.44 12.47 -9.33
C VAL A 392 19.45 12.28 -8.20
N LEU A 393 19.75 12.81 -7.03
CA LEU A 393 18.84 12.78 -5.86
C LEU A 393 18.17 14.15 -5.80
N MET A 394 16.87 14.21 -5.52
CA MET A 394 16.20 15.54 -5.48
C MET A 394 15.45 15.67 -4.14
N SER A 395 15.56 16.86 -3.53
CA SER A 395 15.15 17.11 -2.14
C SER A 395 14.55 18.50 -1.99
N ALA A 396 13.54 18.61 -1.14
CA ALA A 396 13.08 19.90 -0.59
C ALA A 396 14.20 20.51 0.28
N THR A 397 13.96 21.72 0.78
CA THR A 397 14.87 22.53 1.63
C THR A 397 14.93 21.91 3.03
N ILE A 398 15.70 20.83 3.19
CA ILE A 398 16.02 20.22 4.51
C ILE A 398 17.54 20.17 4.60
N ASP A 399 18.07 19.80 5.76
CA ASP A 399 19.51 19.44 5.86
C ASP A 399 19.72 18.15 5.06
N THR A 400 20.49 18.21 3.97
CA THR A 400 20.80 17.07 3.08
C THR A 400 22.22 16.55 3.33
N SER A 401 22.92 17.08 4.35
CA SER A 401 24.26 16.64 4.85
C SER A 401 24.41 15.11 4.85
N MET A 402 23.45 14.44 5.50
CA MET A 402 23.35 12.97 5.63
C MET A 402 23.52 12.33 4.24
N PHE A 403 22.75 12.78 3.25
CA PHE A 403 22.71 12.17 1.89
C PHE A 403 24.03 12.44 1.18
N CYS A 404 24.48 13.69 1.24
CA CYS A 404 25.79 14.17 0.71
C CYS A 404 26.90 13.26 1.24
N GLU A 405 27.02 13.15 2.57
CA GLU A 405 28.08 12.34 3.23
C GLU A 405 27.98 10.86 2.82
N TYR A 406 26.75 10.35 2.74
CA TYR A 406 26.47 8.93 2.43
C TYR A 406 27.04 8.60 1.04
N PHE A 407 26.84 9.53 0.09
CA PHE A 407 27.25 9.37 -1.33
C PHE A 407 28.58 10.09 -1.61
N PHE A 408 29.57 9.88 -0.74
CA PHE A 408 30.99 10.28 -0.94
C PHE A 408 31.08 11.79 -1.19
N ASN A 409 30.35 12.59 -0.40
CA ASN A 409 30.39 14.08 -0.40
C ASN A 409 30.21 14.61 -1.83
N CYS A 410 29.18 14.11 -2.50
CA CYS A 410 28.66 14.57 -3.81
C CYS A 410 28.28 16.04 -3.72
N PRO A 411 28.26 16.79 -4.84
CA PRO A 411 27.78 18.17 -4.85
C PRO A 411 26.28 18.31 -4.63
N ILE A 412 25.89 19.47 -4.10
CA ILE A 412 24.50 19.93 -3.82
C ILE A 412 24.26 21.16 -4.68
N ILE A 413 23.32 21.08 -5.64
CA ILE A 413 22.90 22.23 -6.50
C ILE A 413 21.69 22.90 -5.83
N GLU A 414 21.85 24.14 -5.39
CA GLU A 414 20.78 24.93 -4.75
C GLU A 414 19.87 25.47 -5.86
N VAL A 415 18.56 25.31 -5.69
CA VAL A 415 17.53 25.83 -6.62
C VAL A 415 16.53 26.66 -5.79
N TYR A 416 16.17 27.82 -6.33
CA TYR A 416 15.30 28.82 -5.65
C TYR A 416 14.69 29.77 -6.68
N GLY A 417 13.66 30.48 -6.24
CA GLY A 417 12.94 31.52 -6.99
C GLY A 417 12.22 32.40 -6.00
N ARG A 418 11.17 33.09 -6.42
CA ARG A 418 10.55 34.11 -5.54
C ARG A 418 9.76 33.43 -4.42
N THR A 419 10.13 33.73 -3.18
CA THR A 419 9.36 33.44 -1.94
C THR A 419 8.66 34.75 -1.55
N TYR A 420 7.60 34.66 -0.75
CA TYR A 420 6.98 35.83 -0.07
C TYR A 420 6.93 35.56 1.44
N PRO A 421 6.96 36.61 2.28
CA PRO A 421 6.72 36.43 3.71
C PRO A 421 5.32 35.84 3.92
N VAL A 422 5.20 34.90 4.85
CA VAL A 422 3.87 34.35 5.27
C VAL A 422 3.71 34.65 6.76
N GLN A 423 2.65 35.38 7.11
CA GLN A 423 2.25 35.62 8.53
C GLN A 423 1.76 34.28 9.08
N GLU A 424 2.48 33.73 10.06
CA GLU A 424 2.08 32.50 10.78
C GLU A 424 1.16 32.92 11.92
N TYR A 425 0.10 32.15 12.16
CA TYR A 425 -0.76 32.25 13.36
C TYR A 425 -0.82 30.85 13.99
N PHE A 426 -1.23 30.77 15.25
CA PHE A 426 -1.43 29.50 16.00
C PHE A 426 -2.86 29.46 16.54
N LEU A 427 -3.21 28.39 17.24
CA LEU A 427 -4.63 28.13 17.65
C LEU A 427 -5.20 29.35 18.42
N GLU A 428 -4.39 29.97 19.30
CA GLU A 428 -4.79 31.16 20.10
C GLU A 428 -5.08 32.35 19.19
N ASP A 429 -4.22 32.59 18.19
CA ASP A 429 -4.38 33.72 17.23
C ASP A 429 -5.67 33.52 16.43
N CYS A 430 -5.96 32.27 16.04
CA CYS A 430 -7.12 31.87 15.21
C CYS A 430 -8.44 32.10 15.96
N ILE A 431 -8.49 31.70 17.24
CA ILE A 431 -9.71 31.80 18.09
C ILE A 431 -10.02 33.27 18.36
N GLN A 432 -8.98 34.06 18.65
CA GLN A 432 -9.07 35.52 18.92
C GLN A 432 -9.62 36.25 17.69
N MET A 433 -9.02 36.02 16.50
CA MET A 433 -9.27 36.91 15.33
C MET A 433 -10.59 36.50 14.63
N THR A 434 -11.16 35.34 14.96
CA THR A 434 -12.50 34.87 14.49
C THR A 434 -13.56 35.02 15.59
N HIS A 435 -13.17 35.37 16.82
CA HIS A 435 -14.09 35.46 17.99
C HIS A 435 -14.83 34.13 18.16
N PHE A 436 -14.18 33.01 17.84
CA PHE A 436 -14.77 31.65 17.82
C PHE A 436 -14.94 31.12 19.25
N VAL A 437 -16.05 30.40 19.45
CA VAL A 437 -16.42 29.77 20.74
C VAL A 437 -16.83 28.33 20.43
N PRO A 438 -16.16 27.32 21.03
CA PRO A 438 -16.54 25.92 20.80
C PRO A 438 -17.79 25.54 21.60
N PRO A 439 -18.43 24.39 21.30
CA PRO A 439 -19.52 23.89 22.13
C PRO A 439 -19.16 23.83 23.64
N ASP A 457 0.44 12.10 27.05
CA ASP A 457 0.71 13.52 26.68
C ASP A 457 -0.12 14.43 27.61
N ALA A 458 0.40 15.62 27.94
CA ALA A 458 -0.36 16.72 28.60
C ALA A 458 -1.12 17.49 27.51
N ASN A 459 -2.04 18.36 27.95
CA ASN A 459 -2.94 19.14 27.06
C ASN A 459 -2.45 20.59 26.97
N CYS A 460 -1.87 20.98 25.82
CA CYS A 460 -1.26 22.32 25.58
C CYS A 460 -2.32 23.35 25.14
N ASN A 461 -3.62 23.03 25.25
CA ASN A 461 -4.73 23.98 24.98
C ASN A 461 -5.15 24.69 26.28
N LEU A 462 -4.59 24.26 27.41
CA LEU A 462 -4.76 24.90 28.75
C LEU A 462 -3.64 25.91 28.96
N ILE A 463 -2.61 25.86 28.12
CA ILE A 463 -1.47 26.82 28.17
C ILE A 463 -1.70 27.87 27.08
N CYS A 464 -1.76 29.13 27.50
CA CYS A 464 -1.91 30.32 26.64
C CYS A 464 -1.31 31.52 27.39
N GLY A 465 -0.46 32.30 26.72
CA GLY A 465 0.18 33.50 27.30
C GLY A 465 -0.82 34.57 27.72
N ASP A 466 -0.35 35.55 28.50
CA ASP A 466 -1.18 36.63 29.11
C ASP A 466 -1.48 37.72 28.07
N GLU A 467 -0.80 37.73 26.91
CA GLU A 467 -1.01 38.69 25.80
C GLU A 467 -2.30 38.36 25.02
N TYR A 468 -3.07 37.36 25.47
CA TYR A 468 -4.35 36.92 24.85
C TYR A 468 -5.47 37.00 25.89
N GLY A 469 -6.69 37.36 25.46
CA GLY A 469 -7.84 37.64 26.33
C GLY A 469 -8.42 36.38 26.97
N PRO A 470 -9.22 36.50 28.06
CA PRO A 470 -9.74 35.33 28.79
C PRO A 470 -10.73 34.40 28.07
N GLU A 471 -11.54 34.91 27.15
CA GLU A 471 -12.51 34.07 26.37
C GLU A 471 -11.74 33.22 25.35
N THR A 472 -10.61 33.72 24.84
CA THR A 472 -9.66 32.96 23.99
C THR A 472 -9.13 31.76 24.78
N ARG A 473 -8.54 32.02 25.94
CA ARG A 473 -7.96 31.00 26.87
C ARG A 473 -9.04 29.99 27.25
N MET A 474 -10.22 30.47 27.66
CA MET A 474 -11.38 29.64 28.12
C MET A 474 -11.91 28.79 26.95
N SER A 475 -11.92 29.36 25.74
CA SER A 475 -12.38 28.68 24.49
C SER A 475 -11.35 27.63 24.09
N MET A 476 -10.08 28.01 23.98
CA MET A 476 -8.99 27.06 23.63
C MET A 476 -9.00 25.89 24.60
N ALA A 477 -9.17 26.17 25.90
CA ALA A 477 -9.13 25.16 26.99
C ALA A 477 -10.32 24.20 26.90
N GLN A 478 -11.32 24.47 26.06
CA GLN A 478 -12.48 23.58 25.82
C GLN A 478 -12.24 22.71 24.58
N LEU A 479 -11.17 22.94 23.81
CA LEU A 479 -10.86 22.17 22.57
C LEU A 479 -10.00 20.94 22.93
N ASN A 480 -10.42 19.76 22.45
CA ASN A 480 -9.63 18.51 22.50
C ASN A 480 -8.53 18.54 21.42
N GLU A 481 -7.26 18.46 21.82
CA GLU A 481 -6.10 18.39 20.89
C GLU A 481 -6.16 17.17 19.96
N LYS A 482 -6.87 16.11 20.35
CA LYS A 482 -6.99 14.83 19.59
C LYS A 482 -8.02 14.98 18.46
N GLU A 483 -8.94 15.93 18.61
CA GLU A 483 -9.92 16.33 17.56
C GLU A 483 -9.28 17.43 16.69
N THR A 484 -9.78 17.61 15.47
CA THR A 484 -9.56 18.81 14.64
C THR A 484 -10.83 19.65 14.70
N PRO A 485 -10.73 20.95 15.06
CA PRO A 485 -11.91 21.81 15.21
C PRO A 485 -12.45 22.25 13.84
N PHE A 486 -13.31 21.43 13.24
CA PHE A 486 -13.92 21.66 11.90
C PHE A 486 -14.65 23.01 11.85
N GLU A 487 -15.29 23.39 12.97
CA GLU A 487 -16.11 24.63 13.11
C GLU A 487 -15.16 25.84 13.02
N LEU A 488 -14.00 25.78 13.69
CA LEU A 488 -12.97 26.86 13.63
C LEU A 488 -12.47 27.02 12.18
N ILE A 489 -12.34 25.91 11.43
CA ILE A 489 -11.89 25.95 10.01
C ILE A 489 -12.95 26.72 9.19
N GLU A 490 -14.23 26.42 9.38
CA GLU A 490 -15.37 27.19 8.79
C GLU A 490 -15.22 28.68 9.14
N ALA A 491 -15.07 29.01 10.43
CA ALA A 491 -14.89 30.39 10.92
C ALA A 491 -13.69 31.07 10.24
N LEU A 492 -12.61 30.32 10.01
CA LEU A 492 -11.35 30.86 9.43
C LEU A 492 -11.58 31.23 7.96
N LEU A 493 -12.30 30.39 7.23
CA LEU A 493 -12.67 30.63 5.81
C LEU A 493 -13.49 31.92 5.70
N LYS A 494 -14.37 32.15 6.68
CA LYS A 494 -15.22 33.37 6.76
C LYS A 494 -14.34 34.58 7.09
N TYR A 495 -13.35 34.44 7.98
CA TYR A 495 -12.39 35.54 8.29
C TYR A 495 -11.57 35.89 7.04
N ILE A 496 -11.24 34.89 6.21
CA ILE A 496 -10.40 35.09 4.99
C ILE A 496 -11.18 35.96 3.98
N GLU A 497 -12.50 35.88 3.97
CA GLU A 497 -13.38 36.69 3.07
C GLU A 497 -13.18 38.19 3.37
N THR A 498 -13.12 38.56 4.66
CA THR A 498 -13.07 39.96 5.17
C THR A 498 -11.74 40.64 4.80
N LEU A 499 -10.71 39.89 4.41
CA LEU A 499 -9.37 40.45 4.03
C LEU A 499 -9.44 41.03 2.62
N ASN A 500 -10.39 40.57 1.80
CA ASN A 500 -10.65 41.08 0.43
C ASN A 500 -9.34 41.11 -0.37
N VAL A 501 -8.47 40.12 -0.14
CA VAL A 501 -7.36 39.73 -1.06
C VAL A 501 -7.73 38.36 -1.61
N PRO A 502 -8.15 38.24 -2.89
CA PRO A 502 -8.49 36.95 -3.46
C PRO A 502 -7.31 35.97 -3.50
N GLY A 503 -7.60 34.68 -3.33
CA GLY A 503 -6.63 33.57 -3.42
C GLY A 503 -7.21 32.26 -2.92
N ALA A 504 -6.62 31.13 -3.32
CA ALA A 504 -7.07 29.76 -2.90
C ALA A 504 -6.60 29.47 -1.48
N VAL A 505 -7.37 28.65 -0.77
CA VAL A 505 -7.09 28.18 0.61
C VAL A 505 -6.79 26.68 0.53
N LEU A 506 -5.63 26.26 1.03
CA LEU A 506 -5.18 24.84 1.13
C LEU A 506 -5.33 24.41 2.60
N VAL A 507 -6.13 23.40 2.87
CA VAL A 507 -6.39 22.91 4.24
C VAL A 507 -5.72 21.54 4.40
N PHE A 508 -4.71 21.46 5.26
CA PHE A 508 -4.01 20.19 5.57
C PHE A 508 -4.82 19.42 6.63
N LEU A 509 -5.36 18.28 6.18
CA LEU A 509 -6.13 17.32 7.02
C LEU A 509 -5.47 15.95 6.89
N PRO A 510 -5.34 15.18 7.98
CA PRO A 510 -4.57 13.94 7.95
C PRO A 510 -5.07 12.90 6.94
N GLY A 511 -6.30 12.42 7.08
CA GLY A 511 -6.85 11.40 6.15
C GLY A 511 -8.09 11.88 5.41
N TRP A 512 -8.59 11.02 4.52
CA TRP A 512 -9.88 11.16 3.78
C TRP A 512 -11.06 11.28 4.74
N ASN A 513 -11.03 10.63 5.91
CA ASN A 513 -12.13 10.68 6.91
C ASN A 513 -12.36 12.14 7.34
N LEU A 514 -11.32 12.87 7.68
CA LEU A 514 -11.43 14.29 8.10
C LEU A 514 -11.66 15.20 6.88
N ILE A 515 -11.26 14.79 5.67
CA ILE A 515 -11.52 15.59 4.44
C ILE A 515 -13.00 15.46 4.08
N TYR A 516 -13.55 14.24 4.13
CA TYR A 516 -14.98 13.94 3.94
C TYR A 516 -15.77 14.72 4.99
N THR A 517 -15.40 14.58 6.27
CA THR A 517 -16.09 15.22 7.42
C THR A 517 -16.11 16.74 7.22
N MET A 518 -14.97 17.33 6.86
CA MET A 518 -14.88 18.79 6.62
C MET A 518 -15.81 19.15 5.45
N GLN A 519 -15.76 18.37 4.37
CA GLN A 519 -16.43 18.64 3.07
C GLN A 519 -17.96 18.63 3.28
N LYS A 520 -18.44 17.57 3.94
CA LYS A 520 -19.86 17.42 4.40
C LYS A 520 -20.23 18.69 5.19
N HIS A 521 -19.60 18.90 6.35
CA HIS A 521 -19.84 20.07 7.23
C HIS A 521 -20.01 21.35 6.39
N LEU A 522 -19.12 21.62 5.44
CA LEU A 522 -19.16 22.85 4.59
C LEU A 522 -20.39 22.83 3.68
N GLU A 523 -20.66 21.71 2.99
CA GLU A 523 -21.67 21.66 1.90
C GLU A 523 -23.07 21.64 2.51
N MET A 524 -23.19 21.43 3.83
CA MET A 524 -24.43 21.70 4.62
C MET A 524 -24.75 23.19 4.53
N ASN A 525 -23.93 24.04 5.16
CA ASN A 525 -24.09 25.52 5.19
C ASN A 525 -24.12 26.06 3.76
N PRO A 526 -25.28 26.60 3.29
CA PRO A 526 -25.42 27.12 1.91
C PRO A 526 -24.45 28.25 1.53
N HIS A 527 -23.91 28.97 2.52
CA HIS A 527 -22.81 29.97 2.36
C HIS A 527 -21.68 29.39 1.48
N PHE A 528 -21.42 28.07 1.56
CA PHE A 528 -20.27 27.41 0.88
C PHE A 528 -20.75 26.67 -0.37
N GLY A 529 -21.75 27.21 -1.07
CA GLY A 529 -22.28 26.64 -2.33
C GLY A 529 -21.51 27.13 -3.54
N SER A 530 -21.82 26.57 -4.71
CA SER A 530 -21.13 26.75 -6.02
C SER A 530 -20.95 28.24 -6.39
N HIS A 531 -21.91 29.08 -6.01
CA HIS A 531 -21.94 30.54 -6.32
C HIS A 531 -20.73 31.28 -5.73
N ARG A 532 -20.16 30.79 -4.62
CA ARG A 532 -19.09 31.51 -3.86
C ARG A 532 -17.86 30.61 -3.63
N TYR A 533 -18.00 29.27 -3.66
CA TYR A 533 -16.91 28.34 -3.25
C TYR A 533 -16.79 27.16 -4.22
N GLN A 534 -15.55 26.73 -4.45
CA GLN A 534 -15.18 25.45 -5.09
C GLN A 534 -14.26 24.69 -4.12
N ILE A 535 -14.86 23.81 -3.34
CA ILE A 535 -14.22 22.99 -2.29
C ILE A 535 -13.88 21.64 -2.91
N LEU A 536 -12.57 21.35 -3.05
CA LEU A 536 -12.03 20.16 -3.76
C LEU A 536 -11.21 19.31 -2.82
N PRO A 537 -11.53 18.00 -2.73
CA PRO A 537 -10.75 17.07 -1.93
C PRO A 537 -9.49 16.71 -2.73
N LEU A 538 -8.38 16.47 -2.04
CA LEU A 538 -7.14 15.93 -2.64
C LEU A 538 -6.62 14.84 -1.70
N HIS A 539 -6.86 13.58 -2.06
CA HIS A 539 -6.29 12.38 -1.41
C HIS A 539 -6.01 11.35 -2.51
N SER A 540 -5.20 10.35 -2.20
CA SER A 540 -4.56 9.41 -3.15
C SER A 540 -5.60 8.57 -3.89
N GLN A 541 -6.79 8.40 -3.30
CA GLN A 541 -7.80 7.40 -3.73
C GLN A 541 -8.92 8.03 -4.58
N ILE A 542 -8.93 9.34 -4.82
CA ILE A 542 -9.95 9.95 -5.73
C ILE A 542 -9.39 9.99 -7.14
N PRO A 543 -10.24 9.84 -8.17
CA PRO A 543 -9.76 9.56 -9.53
C PRO A 543 -8.96 10.76 -10.06
N ARG A 544 -8.06 10.50 -10.99
CA ARG A 544 -7.06 11.51 -11.43
C ARG A 544 -7.77 12.69 -12.12
N GLU A 545 -8.93 12.47 -12.74
CA GLU A 545 -9.74 13.59 -13.32
C GLU A 545 -10.00 14.61 -12.21
N GLU A 546 -10.55 14.18 -11.08
CA GLU A 546 -10.86 15.05 -9.91
C GLU A 546 -9.57 15.64 -9.31
N GLN A 547 -8.47 14.87 -9.25
CA GLN A 547 -7.20 15.37 -8.64
C GLN A 547 -6.69 16.56 -9.45
N ARG A 548 -6.75 16.51 -10.78
CA ARG A 548 -6.20 17.58 -11.66
C ARG A 548 -7.06 18.86 -11.53
N LYS A 549 -8.32 18.76 -11.12
CA LYS A 549 -9.21 19.95 -10.93
C LYS A 549 -8.60 20.94 -9.92
N VAL A 550 -7.78 20.50 -8.96
CA VAL A 550 -7.16 21.39 -7.93
C VAL A 550 -6.24 22.41 -8.62
N PHE A 551 -5.70 22.07 -9.79
CA PHE A 551 -4.81 22.98 -10.58
C PHE A 551 -5.62 23.89 -11.51
N ASP A 552 -6.91 23.63 -11.75
CA ASP A 552 -7.74 24.48 -12.65
C ASP A 552 -7.97 25.84 -11.99
N PRO A 553 -8.07 26.93 -12.79
CA PRO A 553 -8.44 28.24 -12.27
C PRO A 553 -9.95 28.29 -12.04
N VAL A 554 -10.40 29.27 -11.27
CA VAL A 554 -11.79 29.32 -10.73
C VAL A 554 -12.45 30.63 -11.17
N PRO A 555 -13.79 30.63 -11.44
CA PRO A 555 -14.48 31.87 -11.81
C PRO A 555 -14.22 33.00 -10.81
N SER A 556 -14.12 34.24 -11.30
CA SER A 556 -14.01 35.49 -10.49
C SER A 556 -15.08 35.49 -9.39
N GLY A 557 -14.73 35.94 -8.19
CA GLY A 557 -15.65 36.01 -7.03
C GLY A 557 -15.82 34.68 -6.32
N VAL A 558 -15.28 33.59 -6.88
CA VAL A 558 -15.28 32.24 -6.22
C VAL A 558 -13.89 31.92 -5.66
N THR A 559 -13.84 31.41 -4.43
CA THR A 559 -12.59 31.05 -3.71
C THR A 559 -12.42 29.52 -3.80
N LYS A 560 -11.27 29.06 -4.30
CA LYS A 560 -10.89 27.62 -4.35
C LYS A 560 -10.38 27.17 -2.96
N VAL A 561 -10.99 26.12 -2.40
CA VAL A 561 -10.56 25.50 -1.12
C VAL A 561 -10.19 24.04 -1.41
N ILE A 562 -8.94 23.68 -1.11
CA ILE A 562 -8.35 22.32 -1.28
C ILE A 562 -8.24 21.69 0.12
N LEU A 563 -9.05 20.67 0.38
CA LEU A 563 -8.98 19.82 1.59
C LEU A 563 -8.05 18.65 1.26
N SER A 564 -6.79 18.73 1.69
CA SER A 564 -5.68 17.90 1.16
C SER A 564 -5.03 17.04 2.25
N THR A 565 -4.51 15.87 1.87
CA THR A 565 -3.50 15.12 2.67
C THR A 565 -2.12 15.76 2.48
N ASN A 566 -1.06 15.16 2.99
CA ASN A 566 0.28 15.81 2.94
C ASN A 566 0.88 15.67 1.54
N ILE A 567 0.15 15.10 0.58
CA ILE A 567 0.56 15.14 -0.87
C ILE A 567 0.91 16.59 -1.22
N ALA A 568 0.17 17.56 -0.67
CA ALA A 568 0.30 19.00 -0.98
C ALA A 568 1.38 19.65 -0.11
N GLU A 569 2.09 18.90 0.73
CA GLU A 569 3.17 19.47 1.61
C GLU A 569 4.42 19.79 0.77
N THR A 570 4.96 18.81 0.04
CA THR A 570 6.21 18.95 -0.77
C THR A 570 6.14 18.25 -2.14
N SER A 571 5.09 17.49 -2.49
CA SER A 571 5.12 16.65 -3.71
C SER A 571 4.38 17.33 -4.89
N ILE A 572 3.39 18.19 -4.62
CA ILE A 572 2.71 19.02 -5.66
C ILE A 572 2.61 20.46 -5.19
N THR A 573 2.35 21.37 -6.13
CA THR A 573 2.19 22.81 -5.88
C THR A 573 0.94 23.33 -6.59
N ILE A 574 -0.02 23.83 -5.82
CA ILE A 574 -1.26 24.48 -6.31
C ILE A 574 -0.99 25.98 -6.38
N ASN A 575 -1.24 26.60 -7.55
CA ASN A 575 -0.61 27.89 -7.93
C ASN A 575 -1.46 29.08 -7.45
N ASP A 576 -2.70 28.88 -6.99
CA ASP A 576 -3.58 30.02 -6.63
C ASP A 576 -3.45 30.31 -5.12
N VAL A 577 -2.61 29.59 -4.39
CA VAL A 577 -2.71 29.49 -2.90
C VAL A 577 -2.12 30.73 -2.22
N VAL A 578 -2.92 31.36 -1.36
CA VAL A 578 -2.49 32.53 -0.54
C VAL A 578 -2.72 32.22 0.94
N TYR A 579 -3.57 31.24 1.27
CA TYR A 579 -3.99 30.87 2.65
C TYR A 579 -3.82 29.37 2.89
N VAL A 580 -3.09 29.00 3.93
CA VAL A 580 -2.95 27.61 4.45
C VAL A 580 -3.65 27.53 5.80
N ILE A 581 -4.57 26.59 5.97
CA ILE A 581 -5.08 26.17 7.31
C ILE A 581 -4.53 24.77 7.57
N ASP A 582 -3.78 24.60 8.66
CA ASP A 582 -2.93 23.41 8.95
C ASP A 582 -3.43 22.74 10.22
N SER A 583 -4.03 21.55 10.08
CA SER A 583 -4.43 20.66 11.19
C SER A 583 -3.26 20.41 12.14
N CYS A 584 -2.03 20.48 11.62
CA CYS A 584 -0.76 20.16 12.35
C CYS A 584 -0.67 18.66 12.67
N LYS A 585 -1.37 17.81 11.91
CA LYS A 585 -1.42 16.33 12.11
C LYS A 585 -0.86 15.63 10.87
N GLN A 586 -0.35 14.40 11.04
CA GLN A 586 -0.07 13.44 9.94
C GLN A 586 -0.93 12.18 10.15
N LYS A 587 -1.20 11.43 9.08
CA LYS A 587 -1.70 10.02 9.16
C LYS A 587 -0.51 9.10 8.93
N VAL A 588 -0.23 8.18 9.85
CA VAL A 588 0.82 7.12 9.68
C VAL A 588 0.23 5.77 10.04
N LYS A 589 0.59 4.75 9.26
CA LYS A 589 0.21 3.34 9.51
C LYS A 589 1.18 2.78 10.53
N LEU A 590 0.75 2.55 11.76
CA LEU A 590 1.58 1.87 12.79
C LEU A 590 1.11 0.43 12.88
N PHE A 591 2.04 -0.53 12.83
CA PHE A 591 1.74 -1.97 12.97
C PHE A 591 2.55 -2.49 14.16
N THR A 592 1.95 -3.20 15.10
CA THR A 592 2.68 -3.89 16.19
C THR A 592 2.47 -5.40 16.06
N ALA A 593 3.56 -6.13 15.82
CA ALA A 593 3.57 -7.57 15.47
C ALA A 593 3.03 -8.41 16.64
N HIS A 594 3.39 -8.08 17.88
CA HIS A 594 3.15 -8.91 19.09
C HIS A 594 1.64 -9.20 19.21
N ASN A 595 0.80 -8.22 18.84
CA ASN A 595 -0.68 -8.31 18.93
C ASN A 595 -1.33 -8.17 17.53
N ASN A 596 -0.52 -8.06 16.47
CA ASN A 596 -0.95 -7.98 15.05
C ASN A 596 -1.95 -6.83 14.90
N MET A 597 -1.67 -5.72 15.59
CA MET A 597 -2.54 -4.52 15.68
C MET A 597 -2.08 -3.52 14.61
N THR A 598 -3.02 -3.06 13.79
CA THR A 598 -2.85 -1.93 12.85
C THR A 598 -3.52 -0.71 13.47
N ASN A 599 -2.81 0.42 13.48
CA ASN A 599 -3.32 1.72 13.98
C ASN A 599 -3.07 2.73 12.86
N TYR A 600 -4.12 3.14 12.14
CA TYR A 600 -4.06 4.31 11.26
C TYR A 600 -4.14 5.52 12.18
N ALA A 601 -2.97 5.91 12.69
CA ALA A 601 -2.82 6.89 13.79
C ALA A 601 -2.86 8.30 13.21
N THR A 602 -3.58 9.18 13.92
CA THR A 602 -3.47 10.64 13.74
C THR A 602 -2.44 11.14 14.74
N VAL A 603 -1.28 11.54 14.24
CA VAL A 603 -0.14 12.00 15.07
C VAL A 603 0.12 13.47 14.75
N TRP A 604 0.84 14.14 15.64
CA TRP A 604 1.41 15.49 15.47
C TRP A 604 2.38 15.50 14.28
N ALA A 605 2.21 16.46 13.39
CA ALA A 605 3.24 16.84 12.40
C ALA A 605 4.54 17.25 13.13
N SER A 606 5.64 17.36 12.38
CA SER A 606 6.96 17.93 12.81
C SER A 606 7.00 19.45 12.57
N LYS A 607 7.93 20.14 13.20
CA LYS A 607 8.25 21.57 12.92
C LYS A 607 8.62 21.74 11.44
N THR A 608 9.40 20.82 10.87
CA THR A 608 9.75 20.82 9.42
C THR A 608 8.46 20.73 8.60
N ASN A 609 7.50 19.89 9.00
CA ASN A 609 6.18 19.77 8.30
C ASN A 609 5.42 21.11 8.38
N LEU A 610 5.37 21.73 9.57
CA LEU A 610 4.66 23.01 9.80
C LEU A 610 5.33 24.13 8.98
N GLU A 611 6.66 24.16 8.94
CA GLU A 611 7.42 25.13 8.12
C GLU A 611 7.12 24.88 6.64
N GLN A 612 7.09 23.62 6.20
CA GLN A 612 6.84 23.29 4.77
C GLN A 612 5.40 23.69 4.40
N ARG A 613 4.43 23.43 5.28
CA ARG A 613 3.00 23.71 5.03
C ARG A 613 2.77 25.23 4.93
N LYS A 614 3.47 26.00 5.76
CA LYS A 614 3.47 27.48 5.81
C LYS A 614 4.00 28.03 4.49
N GLY A 615 5.03 27.37 3.93
CA GLY A 615 5.66 27.78 2.67
C GLY A 615 4.70 27.76 1.50
N ARG A 616 3.68 26.88 1.55
CA ARG A 616 2.74 26.68 0.41
C ARG A 616 1.78 27.89 0.29
N ALA A 617 1.76 28.81 1.26
CA ALA A 617 0.94 30.05 1.26
C ALA A 617 1.67 31.23 0.59
N GLY A 618 2.96 31.08 0.30
CA GLY A 618 3.84 32.21 -0.02
C GLY A 618 4.50 32.09 -1.38
N ARG A 619 3.77 31.58 -2.37
CA ARG A 619 4.29 31.38 -3.75
C ARG A 619 3.76 32.46 -4.71
N VAL A 620 2.61 33.10 -4.43
CA VAL A 620 1.97 34.05 -5.40
C VAL A 620 2.05 35.50 -4.87
N ARG A 621 1.77 35.72 -3.59
CA ARG A 621 1.85 37.05 -2.94
C ARG A 621 2.12 36.83 -1.45
N PRO A 622 2.32 37.88 -0.63
CA PRO A 622 2.38 37.70 0.82
C PRO A 622 1.14 36.91 1.28
N GLY A 623 1.34 35.93 2.18
CA GLY A 623 0.34 34.90 2.49
C GLY A 623 0.10 34.75 3.97
N PHE A 624 -0.84 33.87 4.33
CA PHE A 624 -1.27 33.62 5.72
C PHE A 624 -1.35 32.10 5.97
N CYS A 625 -0.69 31.59 7.01
CA CYS A 625 -0.75 30.18 7.47
C CYS A 625 -1.37 30.11 8.87
N PHE A 626 -2.54 29.48 9.01
CA PHE A 626 -3.29 29.30 10.27
C PHE A 626 -3.04 27.89 10.81
N HIS A 627 -2.02 27.73 11.67
CA HIS A 627 -1.71 26.46 12.40
C HIS A 627 -2.78 26.24 13.48
N LEU A 628 -3.44 25.08 13.51
CA LEU A 628 -4.49 24.79 14.52
C LEU A 628 -3.90 24.15 15.79
N CYS A 629 -2.60 24.26 16.04
CA CYS A 629 -2.00 23.80 17.32
C CYS A 629 -1.71 25.03 18.21
N SER A 630 -1.93 24.92 19.52
CA SER A 630 -1.50 25.97 20.50
C SER A 630 -0.01 26.27 20.31
N ARG A 631 0.42 27.49 20.69
CA ARG A 631 1.84 27.95 20.68
C ARG A 631 2.68 27.03 21.57
N ALA A 632 2.10 26.49 22.66
CA ALA A 632 2.80 25.60 23.61
C ALA A 632 2.97 24.22 22.97
N ARG A 633 1.96 23.73 22.25
CA ARG A 633 2.04 22.43 21.52
C ARG A 633 3.21 22.51 20.53
N PHE A 634 3.30 23.60 19.76
CA PHE A 634 4.39 23.81 18.77
C PHE A 634 5.76 23.59 19.43
N GLU A 635 5.95 24.06 20.67
CA GLU A 635 7.27 24.05 21.36
C GLU A 635 7.66 22.58 21.71
N ARG A 636 6.65 21.71 21.82
CA ARG A 636 6.81 20.28 22.22
C ARG A 636 6.78 19.35 20.99
N LEU A 637 6.70 19.90 19.77
CA LEU A 637 6.76 19.11 18.51
C LEU A 637 8.21 18.70 18.24
N GLU A 638 8.40 17.47 17.76
CA GLU A 638 9.67 16.97 17.19
C GLU A 638 10.06 17.81 15.98
N THR A 639 11.37 17.91 15.73
CA THR A 639 11.94 18.63 14.57
C THR A 639 11.60 17.86 13.29
N HIS A 640 11.65 16.52 13.34
CA HIS A 640 11.44 15.62 12.18
C HIS A 640 10.48 14.48 12.54
N MET A 641 9.68 14.02 11.59
CA MET A 641 8.95 12.74 11.73
C MET A 641 10.00 11.63 11.86
N THR A 642 9.68 10.59 12.61
CA THR A 642 10.32 9.27 12.52
C THR A 642 10.35 8.83 11.05
N PRO A 643 11.55 8.51 10.50
CA PRO A 643 11.64 7.83 9.21
C PRO A 643 10.87 6.49 9.22
N GLU A 644 10.31 6.12 8.08
CA GLU A 644 9.53 4.86 7.90
C GLU A 644 10.41 3.66 8.25
N MET A 645 11.70 3.74 7.92
CA MET A 645 12.67 2.64 8.15
C MET A 645 12.60 2.22 9.64
N PHE A 646 12.24 3.13 10.54
CA PHE A 646 12.20 2.90 12.01
C PHE A 646 10.86 2.29 12.45
N ARG A 647 9.84 2.25 11.59
CA ARG A 647 8.48 1.94 12.10
C ARG A 647 7.68 1.23 11.02
N THR A 648 8.31 0.37 10.23
CA THR A 648 7.67 -0.38 9.11
C THR A 648 8.16 -1.82 9.14
N PRO A 649 7.27 -2.83 9.04
CA PRO A 649 7.72 -4.21 8.97
C PRO A 649 8.63 -4.35 7.73
N LEU A 650 9.66 -5.21 7.81
CA LEU A 650 10.81 -5.27 6.88
C LEU A 650 10.82 -6.59 6.12
N HIS A 651 9.83 -7.47 6.32
CA HIS A 651 9.85 -8.82 5.69
C HIS A 651 9.87 -8.69 4.15
N GLU A 652 9.28 -7.65 3.57
CA GLU A 652 9.23 -7.53 2.08
C GLU A 652 10.60 -7.08 1.54
N ILE A 653 11.15 -6.02 2.11
CA ILE A 653 12.57 -5.61 1.85
C ILE A 653 13.53 -6.79 2.06
N ALA A 654 13.38 -7.57 3.13
CA ALA A 654 14.20 -8.78 3.40
C ALA A 654 14.16 -9.73 2.19
N LEU A 655 12.97 -10.02 1.68
CA LEU A 655 12.80 -10.89 0.48
C LEU A 655 13.50 -10.26 -0.72
N SER A 656 13.40 -8.95 -0.90
CA SER A 656 14.08 -8.24 -2.01
C SER A 656 15.61 -8.39 -1.90
N ILE A 657 16.20 -8.18 -0.70
CA ILE A 657 17.65 -8.39 -0.43
C ILE A 657 18.03 -9.80 -0.88
N LYS A 658 17.23 -10.82 -0.56
CA LYS A 658 17.58 -12.23 -0.83
C LYS A 658 17.41 -12.55 -2.31
N LEU A 659 16.33 -12.11 -2.95
CA LEU A 659 16.08 -12.34 -4.39
C LEU A 659 17.23 -11.75 -5.20
N LEU A 660 17.70 -10.55 -4.82
CA LEU A 660 18.75 -9.79 -5.54
C LEU A 660 20.16 -10.23 -5.11
N ARG A 661 20.30 -11.26 -4.28
CA ARG A 661 21.62 -11.85 -3.90
C ARG A 661 22.52 -10.75 -3.34
N LEU A 662 22.01 -9.90 -2.43
CA LEU A 662 22.74 -8.71 -1.92
C LEU A 662 23.44 -9.04 -0.60
N GLY A 663 23.19 -10.22 -0.03
CA GLY A 663 23.83 -10.70 1.21
C GLY A 663 22.84 -10.88 2.33
N GLY A 664 23.34 -10.80 3.57
CA GLY A 664 22.54 -10.96 4.81
C GLY A 664 21.54 -9.82 4.94
N ILE A 665 20.37 -10.10 5.50
CA ILE A 665 19.31 -9.10 5.74
C ILE A 665 19.87 -8.07 6.72
N GLY A 666 20.30 -8.52 7.90
CA GLY A 666 20.92 -7.67 8.93
C GLY A 666 22.12 -6.90 8.37
N GLN A 667 23.03 -7.64 7.71
CA GLN A 667 24.28 -7.10 7.10
C GLN A 667 23.95 -5.97 6.12
N PHE A 668 23.00 -6.19 5.22
CA PHE A 668 22.66 -5.18 4.19
C PHE A 668 21.97 -3.95 4.85
N LEU A 669 21.04 -4.19 5.76
CA LEU A 669 20.25 -3.06 6.37
C LEU A 669 21.14 -2.23 7.31
N ALA A 670 22.21 -2.80 7.87
CA ALA A 670 23.23 -2.10 8.68
C ALA A 670 23.95 -1.03 7.87
N LYS A 671 23.90 -1.09 6.53
CA LYS A 671 24.61 -0.12 5.65
C LYS A 671 23.66 1.00 5.27
N ALA A 672 22.40 0.94 5.69
CA ALA A 672 21.41 1.96 5.33
C ALA A 672 21.85 3.30 5.94
N ILE A 673 21.29 4.38 5.43
CA ILE A 673 21.73 5.75 5.80
C ILE A 673 21.40 5.92 7.28
N GLU A 674 20.21 5.49 7.67
CA GLU A 674 19.79 5.34 9.08
C GLU A 674 19.20 3.94 9.23
N PRO A 675 19.99 2.96 9.71
CA PRO A 675 19.53 1.58 9.79
C PRO A 675 18.28 1.36 10.64
N PRO A 676 17.44 0.34 10.28
CA PRO A 676 16.26 0.04 11.06
C PRO A 676 16.66 -0.48 12.44
N PRO A 677 15.71 -0.47 13.39
CA PRO A 677 15.93 -1.05 14.72
C PRO A 677 16.10 -2.57 14.60
N LEU A 678 16.93 -3.13 15.47
CA LEU A 678 17.25 -4.58 15.51
C LEU A 678 15.95 -5.41 15.58
N ASP A 679 15.02 -5.02 16.43
CA ASP A 679 13.84 -5.87 16.72
C ASP A 679 13.02 -6.02 15.41
N ALA A 680 12.95 -5.00 14.57
CA ALA A 680 12.28 -5.08 13.24
C ALA A 680 13.03 -6.10 12.36
N VAL A 681 14.36 -6.14 12.44
CA VAL A 681 15.15 -7.08 11.58
C VAL A 681 14.86 -8.52 12.02
N ILE A 682 14.91 -8.75 13.32
CA ILE A 682 14.69 -10.08 13.94
C ILE A 682 13.26 -10.54 13.60
N GLU A 683 12.31 -9.63 13.73
CA GLU A 683 10.89 -9.89 13.40
C GLU A 683 10.74 -10.25 11.91
N ALA A 684 11.49 -9.64 10.99
CA ALA A 684 11.37 -9.94 9.55
C ALA A 684 11.91 -11.35 9.33
N GLU A 685 13.08 -11.65 9.92
CA GLU A 685 13.71 -12.97 9.74
C GLU A 685 12.82 -14.07 10.30
N HIS A 686 12.23 -13.83 11.47
CA HIS A 686 11.28 -14.75 12.13
C HIS A 686 10.08 -15.02 11.20
N THR A 687 9.46 -13.98 10.67
CA THR A 687 8.31 -14.09 9.75
C THR A 687 8.67 -15.01 8.58
N LEU A 688 9.82 -14.77 7.95
CA LEU A 688 10.21 -15.48 6.71
C LEU A 688 10.59 -16.95 7.01
N ARG A 689 11.22 -17.24 8.17
CA ARG A 689 11.58 -18.63 8.56
C ARG A 689 10.30 -19.42 8.87
N GLU A 690 9.41 -18.83 9.65
CA GLU A 690 8.05 -19.38 9.99
C GLU A 690 7.29 -19.72 8.68
N LEU A 691 7.40 -18.89 7.63
CA LEU A 691 6.77 -19.13 6.31
C LEU A 691 7.56 -20.16 5.51
N ASP A 692 8.78 -20.51 5.92
CA ASP A 692 9.66 -21.44 5.16
C ASP A 692 10.08 -20.77 3.86
N ALA A 693 10.15 -19.44 3.86
CA ALA A 693 10.72 -18.64 2.77
C ALA A 693 12.25 -18.66 2.89
N LEU A 694 12.77 -18.70 4.12
CA LEU A 694 14.23 -18.95 4.40
C LEU A 694 14.40 -20.33 5.04
N ASP A 695 15.46 -21.06 4.68
CA ASP A 695 15.91 -22.27 5.43
C ASP A 695 16.63 -21.84 6.72
N ALA A 696 17.01 -22.80 7.58
CA ALA A 696 17.70 -22.54 8.87
C ALA A 696 19.00 -21.74 8.65
N ASN A 697 19.69 -21.91 7.51
CA ASN A 697 20.88 -21.09 7.10
C ASN A 697 20.48 -19.68 6.61
N ASP A 698 19.20 -19.27 6.77
CA ASP A 698 18.67 -17.94 6.37
C ASP A 698 18.87 -17.71 4.85
N GLU A 699 18.87 -18.78 4.03
CA GLU A 699 18.99 -18.67 2.56
C GLU A 699 17.61 -18.90 1.91
N LEU A 700 17.41 -18.32 0.73
CA LEU A 700 16.10 -18.27 0.03
C LEU A 700 15.76 -19.66 -0.50
N THR A 701 14.62 -20.19 -0.08
CA THR A 701 14.05 -21.46 -0.57
C THR A 701 13.34 -21.21 -1.90
N PRO A 702 13.00 -22.27 -2.66
CA PRO A 702 12.14 -22.13 -3.84
C PRO A 702 10.78 -21.49 -3.52
N LEU A 703 10.23 -21.73 -2.32
CA LEU A 703 9.00 -21.06 -1.85
C LEU A 703 9.27 -19.57 -1.68
N GLY A 704 10.35 -19.22 -0.98
CA GLY A 704 10.75 -17.82 -0.74
C GLY A 704 10.94 -17.08 -2.04
N ARG A 705 11.42 -17.76 -3.07
CA ARG A 705 11.75 -17.16 -4.39
C ARG A 705 10.44 -16.77 -5.08
N ILE A 706 9.42 -17.64 -5.03
CA ILE A 706 8.08 -17.29 -5.58
C ILE A 706 7.48 -16.10 -4.78
N LEU A 707 7.49 -16.16 -3.45
CA LEU A 707 6.94 -15.07 -2.61
C LEU A 707 7.67 -13.77 -2.94
N ALA A 708 8.98 -13.83 -3.16
CA ALA A 708 9.81 -12.66 -3.49
C ALA A 708 9.30 -12.03 -4.78
N LYS A 709 8.85 -12.84 -5.73
CA LYS A 709 8.42 -12.40 -7.09
C LYS A 709 6.98 -11.85 -7.06
N LEU A 710 6.13 -12.33 -6.16
CA LEU A 710 4.71 -11.90 -6.01
C LEU A 710 4.66 -10.58 -5.25
N PRO A 711 4.15 -9.47 -5.86
CA PRO A 711 4.10 -8.19 -5.15
C PRO A 711 2.88 -8.07 -4.22
N ILE A 712 2.77 -8.95 -3.23
CA ILE A 712 1.76 -8.90 -2.13
C ILE A 712 2.47 -9.41 -0.86
N GLU A 713 1.86 -9.21 0.30
CA GLU A 713 2.25 -9.83 1.58
C GLU A 713 2.61 -11.29 1.36
N PRO A 714 3.84 -11.70 1.75
CA PRO A 714 4.29 -13.08 1.64
C PRO A 714 3.28 -14.12 2.10
N ARG A 715 2.55 -13.83 3.17
CA ARG A 715 1.58 -14.78 3.76
C ARG A 715 0.44 -15.00 2.74
N PHE A 716 0.06 -13.96 1.99
CA PHE A 716 -0.98 -14.07 0.93
C PHE A 716 -0.36 -14.79 -0.27
N GLY A 717 0.92 -14.51 -0.55
CA GLY A 717 1.68 -15.24 -1.59
C GLY A 717 1.60 -16.74 -1.35
N LYS A 718 1.83 -17.17 -0.11
CA LYS A 718 1.83 -18.61 0.25
C LYS A 718 0.40 -19.15 0.16
N MET A 719 -0.57 -18.36 0.64
CA MET A 719 -2.01 -18.70 0.50
C MET A 719 -2.34 -18.98 -0.99
N MET A 720 -1.88 -18.12 -1.90
CA MET A 720 -2.08 -18.25 -3.36
C MET A 720 -1.44 -19.55 -3.87
N ILE A 721 -0.24 -19.93 -3.40
CA ILE A 721 0.39 -21.23 -3.82
C ILE A 721 -0.52 -22.38 -3.32
N MET A 722 -1.05 -22.27 -2.11
CA MET A 722 -1.94 -23.31 -1.53
C MET A 722 -3.23 -23.37 -2.37
N GLY A 723 -3.77 -22.23 -2.78
CA GLY A 723 -4.92 -22.17 -3.69
C GLY A 723 -4.63 -22.92 -4.99
N CYS A 724 -3.42 -22.76 -5.55
CA CYS A 724 -3.02 -23.46 -6.79
C CYS A 724 -3.12 -24.98 -6.58
N ILE A 725 -2.60 -25.47 -5.45
CA ILE A 725 -2.55 -26.91 -5.10
C ILE A 725 -3.99 -27.45 -5.05
N PHE A 726 -4.93 -26.70 -4.44
CA PHE A 726 -6.37 -27.07 -4.31
C PHE A 726 -7.17 -26.75 -5.58
N TYR A 727 -6.54 -26.18 -6.63
CA TYR A 727 -7.18 -25.78 -7.92
C TYR A 727 -8.26 -24.74 -7.67
N VAL A 728 -8.02 -23.80 -6.75
CA VAL A 728 -8.89 -22.59 -6.56
C VAL A 728 -8.04 -21.33 -6.64
N GLY A 729 -6.97 -21.39 -7.44
CA GLY A 729 -6.00 -20.30 -7.62
C GLY A 729 -6.65 -18.98 -7.99
N ASP A 730 -7.61 -19.01 -8.90
CA ASP A 730 -8.21 -17.75 -9.43
C ASP A 730 -8.84 -16.97 -8.27
N ALA A 731 -9.62 -17.66 -7.45
CA ALA A 731 -10.33 -17.06 -6.31
C ALA A 731 -9.30 -16.53 -5.30
N VAL A 732 -8.21 -17.27 -5.06
CA VAL A 732 -7.25 -16.81 -4.03
C VAL A 732 -6.42 -15.64 -4.59
N CYS A 733 -6.10 -15.60 -5.88
CA CYS A 733 -5.46 -14.42 -6.51
C CYS A 733 -6.38 -13.19 -6.40
N THR A 734 -7.71 -13.37 -6.48
CA THR A 734 -8.69 -12.26 -6.34
C THR A 734 -8.72 -11.73 -4.90
N ILE A 735 -8.85 -12.60 -3.90
CA ILE A 735 -8.77 -12.21 -2.46
C ILE A 735 -7.50 -11.37 -2.31
N SER A 736 -6.38 -11.86 -2.87
CA SER A 736 -5.02 -11.30 -2.62
C SER A 736 -4.90 -9.92 -3.28
N ALA A 737 -5.33 -9.82 -4.54
CA ALA A 737 -5.30 -8.57 -5.32
C ALA A 737 -6.12 -7.52 -4.59
N ALA A 738 -7.24 -7.90 -4.01
CA ALA A 738 -8.19 -6.93 -3.43
C ALA A 738 -7.59 -6.26 -2.18
N THR A 739 -6.59 -6.87 -1.53
CA THR A 739 -5.95 -6.27 -0.34
C THR A 739 -5.13 -5.05 -0.76
N CYS A 740 -4.88 -4.84 -2.06
CA CYS A 740 -4.05 -3.71 -2.53
C CYS A 740 -4.88 -2.49 -2.93
N PHE A 741 -6.18 -2.54 -2.73
CA PHE A 741 -7.10 -1.47 -3.19
C PHE A 741 -8.17 -1.22 -2.14
N PRO A 742 -8.81 -0.04 -2.15
CA PRO A 742 -9.92 0.18 -1.23
C PRO A 742 -11.07 -0.78 -1.59
N GLU A 743 -12.00 -0.91 -0.65
CA GLU A 743 -13.20 -1.76 -0.78
C GLU A 743 -13.95 -1.27 -2.02
N PRO A 744 -14.44 -2.16 -2.91
CA PRO A 744 -15.26 -1.72 -4.03
C PRO A 744 -16.68 -1.23 -3.65
N PHE A 745 -17.17 -1.64 -2.47
CA PHE A 745 -18.48 -1.19 -1.93
C PHE A 745 -18.39 0.31 -1.61
N ILE A 746 -19.20 1.12 -2.26
CA ILE A 746 -19.38 2.55 -1.90
C ILE A 746 -20.38 2.60 -0.73
N SER A 747 -19.88 2.57 0.50
CA SER A 747 -20.69 2.37 1.72
C SER A 747 -20.71 3.62 2.60
N GLU A 748 -19.84 4.60 2.33
CA GLU A 748 -19.88 5.99 2.88
C GLU A 748 -19.71 5.97 4.41
N GLY A 749 -19.12 4.91 4.97
CA GLY A 749 -18.83 4.77 6.42
C GLY A 749 -20.02 4.30 7.25
N LYS A 750 -21.19 4.11 6.62
CA LYS A 750 -22.44 3.60 7.25
C LYS A 750 -22.44 2.06 7.20
N ARG A 751 -23.37 1.43 7.93
CA ARG A 751 -23.72 -0.01 7.81
C ARG A 751 -24.14 -0.32 6.36
N LEU A 752 -23.73 -1.49 5.85
CA LEU A 752 -24.08 -1.96 4.50
C LEU A 752 -25.61 -1.96 4.39
N GLY A 753 -26.14 -1.60 3.23
CA GLY A 753 -27.56 -1.75 2.87
C GLY A 753 -27.84 -3.12 2.27
N TYR A 754 -29.08 -3.31 1.80
CA TYR A 754 -29.62 -4.62 1.37
C TYR A 754 -28.82 -5.13 0.17
N VAL A 755 -28.63 -4.26 -0.82
CA VAL A 755 -27.99 -4.66 -2.09
C VAL A 755 -26.60 -5.26 -1.75
N HIS A 756 -25.75 -4.56 -0.98
CA HIS A 756 -24.36 -5.00 -0.68
C HIS A 756 -24.35 -6.28 0.16
N ARG A 757 -25.21 -6.38 1.18
CA ARG A 757 -25.33 -7.56 2.06
C ARG A 757 -25.67 -8.81 1.25
N ASN A 758 -26.46 -8.64 0.19
CA ASN A 758 -26.97 -9.75 -0.65
C ASN A 758 -25.81 -10.50 -1.32
N PHE A 759 -24.73 -9.80 -1.67
CA PHE A 759 -23.55 -10.43 -2.32
C PHE A 759 -22.93 -11.48 -1.38
N ALA A 760 -23.27 -11.45 -0.09
CA ALA A 760 -22.70 -12.37 0.93
C ALA A 760 -23.33 -13.77 0.89
N GLY A 761 -24.54 -13.93 0.35
CA GLY A 761 -25.28 -15.19 0.46
C GLY A 761 -25.46 -15.59 1.92
N ASN A 762 -25.23 -16.85 2.25
CA ASN A 762 -25.51 -17.38 3.62
C ASN A 762 -24.19 -17.67 4.34
N ARG A 763 -23.08 -17.01 3.96
CA ARG A 763 -21.69 -17.39 4.39
C ARG A 763 -21.15 -16.47 5.49
N PHE A 764 -21.82 -15.39 5.85
CA PHE A 764 -21.41 -14.48 6.94
C PHE A 764 -19.93 -14.11 6.70
N SER A 765 -19.63 -13.68 5.48
CA SER A 765 -18.25 -13.47 4.97
C SER A 765 -18.16 -12.23 4.06
N ASP A 766 -17.35 -11.24 4.44
CA ASP A 766 -17.05 -10.06 3.58
C ASP A 766 -16.29 -10.55 2.36
N HIS A 767 -15.45 -11.58 2.48
CA HIS A 767 -14.62 -12.09 1.35
C HIS A 767 -15.51 -12.80 0.32
N VAL A 768 -16.51 -13.56 0.76
CA VAL A 768 -17.48 -14.19 -0.17
C VAL A 768 -18.25 -13.08 -0.89
N ALA A 769 -18.68 -12.03 -0.20
CA ALA A 769 -19.31 -10.84 -0.80
C ALA A 769 -18.40 -10.31 -1.91
N LEU A 770 -17.13 -10.10 -1.63
CA LEU A 770 -16.17 -9.56 -2.62
C LEU A 770 -16.07 -10.52 -3.81
N LEU A 771 -15.80 -11.81 -3.60
CA LEU A 771 -15.79 -12.77 -4.74
C LEU A 771 -17.10 -12.71 -5.55
N SER A 772 -18.25 -12.50 -4.90
CA SER A 772 -19.59 -12.53 -5.55
C SER A 772 -19.80 -11.25 -6.37
N VAL A 773 -19.35 -10.10 -5.86
CA VAL A 773 -19.27 -8.83 -6.62
C VAL A 773 -18.46 -9.05 -7.90
N PHE A 774 -17.28 -9.65 -7.81
CA PHE A 774 -16.42 -9.86 -9.01
C PHE A 774 -17.13 -10.75 -10.01
N GLN A 775 -17.82 -11.80 -9.55
CA GLN A 775 -18.48 -12.78 -10.45
C GLN A 775 -19.63 -12.05 -11.21
N ALA A 776 -20.44 -11.25 -10.51
CA ALA A 776 -21.58 -10.47 -11.08
C ALA A 776 -21.04 -9.39 -12.03
N TRP A 777 -20.00 -8.67 -11.63
CA TRP A 777 -19.37 -7.54 -12.37
C TRP A 777 -18.81 -8.07 -13.68
N ASP A 778 -18.22 -9.25 -13.63
CA ASP A 778 -17.54 -9.87 -14.80
C ASP A 778 -18.60 -10.34 -15.80
N ASP A 779 -19.75 -10.81 -15.30
CA ASP A 779 -20.95 -11.14 -16.11
C ASP A 779 -21.52 -9.85 -16.75
N ALA A 780 -21.79 -8.81 -15.97
CA ALA A 780 -22.36 -7.52 -16.46
C ALA A 780 -21.50 -6.98 -17.61
N ARG A 781 -20.19 -7.09 -17.48
CA ARG A 781 -19.13 -6.58 -18.40
C ARG A 781 -19.27 -7.20 -19.80
N MET A 782 -19.88 -8.39 -19.93
CA MET A 782 -20.19 -9.04 -21.24
C MET A 782 -21.01 -8.09 -22.13
N GLY A 783 -21.85 -7.24 -21.51
CA GLY A 783 -22.70 -6.28 -22.20
C GLY A 783 -21.95 -5.04 -22.67
N GLY A 784 -20.63 -4.99 -22.49
CA GLY A 784 -19.80 -3.86 -22.93
C GLY A 784 -19.78 -2.77 -21.88
N GLU A 785 -19.05 -1.69 -22.16
CA GLU A 785 -18.67 -0.67 -21.16
C GLU A 785 -19.91 -0.09 -20.45
N GLU A 786 -20.97 0.28 -21.17
CA GLU A 786 -22.09 1.04 -20.55
C GLU A 786 -22.88 0.13 -19.60
N ALA A 787 -23.05 -1.15 -19.96
CA ALA A 787 -23.69 -2.18 -19.09
C ALA A 787 -22.90 -2.34 -17.78
N GLU A 788 -21.57 -2.17 -17.85
CA GLU A 788 -20.62 -2.26 -16.72
C GLU A 788 -20.85 -1.04 -15.84
N ILE A 789 -20.86 0.14 -16.45
CA ILE A 789 -21.03 1.43 -15.73
C ILE A 789 -22.34 1.36 -14.95
N ARG A 790 -23.39 0.81 -15.57
CA ARG A 790 -24.77 0.83 -15.05
C ARG A 790 -24.90 -0.20 -13.94
N PHE A 791 -24.33 -1.38 -14.17
CA PHE A 791 -24.23 -2.42 -13.13
C PHE A 791 -23.56 -1.81 -11.90
N CYS A 792 -22.48 -1.03 -12.07
CA CYS A 792 -21.65 -0.53 -10.95
C CYS A 792 -22.40 0.59 -10.22
N GLU A 793 -23.14 1.45 -10.93
CA GLU A 793 -23.81 2.56 -10.20
C GLU A 793 -25.19 2.06 -9.70
N HIS A 794 -25.83 1.10 -10.37
CA HIS A 794 -27.05 0.45 -9.81
C HIS A 794 -26.69 -0.35 -8.54
N LYS A 795 -25.50 -0.91 -8.43
CA LYS A 795 -25.08 -1.72 -7.25
C LYS A 795 -24.24 -0.88 -6.27
N ARG A 796 -23.97 0.40 -6.56
CA ARG A 796 -23.13 1.29 -5.71
C ARG A 796 -21.74 0.65 -5.54
N LEU A 797 -21.07 0.34 -6.65
CA LEU A 797 -19.71 -0.21 -6.71
C LEU A 797 -18.77 0.79 -7.39
N ASN A 798 -17.52 0.82 -6.95
CA ASN A 798 -16.44 1.61 -7.57
C ASN A 798 -15.82 0.78 -8.69
N MET A 799 -16.19 1.06 -9.94
CA MET A 799 -15.73 0.35 -11.16
C MET A 799 -14.21 0.44 -11.29
N ALA A 800 -13.60 1.57 -10.96
CA ALA A 800 -12.14 1.78 -11.09
C ALA A 800 -11.42 0.76 -10.22
N THR A 801 -11.92 0.52 -9.01
CA THR A 801 -11.34 -0.46 -8.03
C THR A 801 -11.52 -1.89 -8.53
N LEU A 802 -12.69 -2.23 -9.07
CA LEU A 802 -12.92 -3.58 -9.63
C LEU A 802 -11.97 -3.80 -10.81
N ARG A 803 -11.74 -2.82 -11.67
CA ARG A 803 -10.87 -2.99 -12.86
C ARG A 803 -9.40 -3.12 -12.47
N MET A 804 -8.92 -2.30 -11.53
CA MET A 804 -7.50 -2.37 -11.08
C MET A 804 -7.25 -3.70 -10.35
N THR A 805 -8.19 -4.14 -9.52
CA THR A 805 -8.11 -5.44 -8.80
C THR A 805 -8.01 -6.59 -9.80
N TRP A 806 -8.89 -6.59 -10.81
CA TRP A 806 -8.90 -7.58 -11.92
C TRP A 806 -7.54 -7.58 -12.61
N GLU A 807 -7.01 -6.42 -12.99
CA GLU A 807 -5.70 -6.35 -13.67
C GLU A 807 -4.61 -6.94 -12.76
N ALA A 808 -4.69 -6.67 -11.45
CA ALA A 808 -3.71 -7.12 -10.43
C ALA A 808 -3.78 -8.65 -10.33
N LYS A 809 -5.01 -9.19 -10.29
CA LYS A 809 -5.24 -10.66 -10.30
C LYS A 809 -4.59 -11.29 -11.54
N VAL A 810 -4.70 -10.64 -12.70
CA VAL A 810 -4.22 -11.25 -13.96
C VAL A 810 -2.68 -11.36 -13.86
N GLN A 811 -2.03 -10.34 -13.29
CA GLN A 811 -0.56 -10.23 -13.16
C GLN A 811 -0.05 -11.23 -12.12
N LEU A 812 -0.78 -11.39 -11.02
CA LEU A 812 -0.44 -12.43 -10.03
C LEU A 812 -0.48 -13.79 -10.70
N LYS A 813 -1.53 -14.08 -11.48
CA LYS A 813 -1.68 -15.39 -12.13
C LYS A 813 -0.54 -15.62 -13.11
N GLU A 814 -0.16 -14.61 -13.88
CA GLU A 814 0.97 -14.65 -14.84
C GLU A 814 2.24 -15.10 -14.11
N ILE A 815 2.54 -14.53 -12.95
CA ILE A 815 3.77 -14.82 -12.16
C ILE A 815 3.72 -16.28 -11.67
N LEU A 816 2.56 -16.75 -11.22
CA LEU A 816 2.45 -18.18 -10.83
C LEU A 816 2.64 -19.05 -12.07
N ILE A 817 2.12 -18.63 -13.24
CA ILE A 817 2.30 -19.40 -14.51
C ILE A 817 3.79 -19.48 -14.80
N ASN A 818 4.51 -18.35 -14.82
CA ASN A 818 5.95 -18.29 -15.19
C ASN A 818 6.82 -18.98 -14.13
N SER A 819 6.28 -19.32 -12.97
CA SER A 819 6.95 -20.12 -11.91
C SER A 819 6.66 -21.61 -12.13
N GLY A 820 5.78 -21.91 -13.10
CA GLY A 820 5.54 -23.28 -13.58
C GLY A 820 4.25 -23.90 -13.06
N PHE A 821 3.33 -23.11 -12.48
CA PHE A 821 1.99 -23.61 -12.04
C PHE A 821 1.13 -23.77 -13.30
N PRO A 822 0.38 -24.88 -13.40
CA PRO A 822 -0.41 -25.16 -14.60
C PRO A 822 -1.60 -24.18 -14.71
N GLU A 823 -1.96 -23.82 -15.94
CA GLU A 823 -3.07 -22.88 -16.28
C GLU A 823 -4.36 -23.36 -15.61
N ASP A 824 -4.54 -24.68 -15.57
CA ASP A 824 -5.76 -25.41 -15.13
C ASP A 824 -6.03 -25.21 -13.63
N CYS A 825 -5.02 -24.83 -12.82
CA CYS A 825 -5.23 -24.62 -11.36
C CYS A 825 -5.67 -23.18 -11.14
N LEU A 826 -5.72 -22.35 -12.19
CA LEU A 826 -5.97 -20.88 -12.05
C LEU A 826 -7.15 -20.39 -12.93
N LEU A 827 -8.08 -21.27 -13.32
CA LEU A 827 -9.24 -20.87 -14.16
C LEU A 827 -10.30 -20.25 -13.27
N THR A 828 -11.03 -19.26 -13.80
CA THR A 828 -12.29 -18.74 -13.20
C THR A 828 -13.21 -19.94 -12.96
N GLN A 829 -13.81 -20.00 -11.77
CA GLN A 829 -14.72 -21.09 -11.36
C GLN A 829 -15.99 -20.43 -10.86
N VAL A 830 -17.08 -20.60 -11.61
CA VAL A 830 -18.42 -20.15 -11.16
C VAL A 830 -18.65 -20.83 -9.81
N PHE A 831 -19.24 -20.11 -8.88
CA PHE A 831 -19.61 -20.68 -7.56
C PHE A 831 -20.96 -20.10 -7.15
N THR A 832 -21.53 -20.72 -6.13
CA THR A 832 -22.75 -20.26 -5.45
C THR A 832 -22.33 -19.81 -4.06
N ASN A 833 -22.85 -18.68 -3.60
CA ASN A 833 -22.65 -18.19 -2.21
C ASN A 833 -23.82 -18.61 -1.30
N THR A 834 -24.72 -19.53 -1.74
CA THR A 834 -25.81 -20.08 -0.88
C THR A 834 -25.81 -21.61 -0.82
N GLY A 835 -25.52 -22.31 -1.92
CA GLY A 835 -25.63 -23.78 -2.00
C GLY A 835 -24.32 -24.44 -1.57
N PRO A 836 -24.29 -25.77 -1.43
CA PRO A 836 -23.03 -26.44 -1.13
C PRO A 836 -22.02 -26.08 -2.23
N ASP A 837 -20.79 -25.73 -1.84
CA ASP A 837 -19.70 -25.33 -2.77
C ASP A 837 -18.37 -25.63 -2.08
N ASN A 838 -17.73 -26.73 -2.47
CA ASN A 838 -16.50 -27.23 -1.81
C ASN A 838 -15.32 -26.37 -2.25
N ASN A 839 -15.35 -25.83 -3.47
CA ASN A 839 -14.33 -24.87 -3.95
C ASN A 839 -14.35 -23.65 -3.02
N LEU A 840 -15.52 -23.11 -2.71
CA LEU A 840 -15.59 -21.90 -1.84
C LEU A 840 -15.21 -22.25 -0.39
N ASP A 841 -15.63 -23.41 0.12
CA ASP A 841 -15.23 -23.92 1.46
C ASP A 841 -13.69 -23.92 1.60
N VAL A 842 -12.98 -24.42 0.60
CA VAL A 842 -11.48 -24.51 0.58
C VAL A 842 -10.89 -23.09 0.53
N VAL A 843 -11.48 -22.21 -0.30
CA VAL A 843 -11.07 -20.77 -0.35
C VAL A 843 -11.19 -20.15 1.05
N ILE A 844 -12.21 -20.51 1.83
CA ILE A 844 -12.40 -19.90 3.18
C ILE A 844 -11.36 -20.50 4.12
N SER A 845 -11.07 -21.80 4.01
CA SER A 845 -9.99 -22.45 4.80
C SER A 845 -8.67 -21.73 4.51
N LEU A 846 -8.37 -21.48 3.24
CA LEU A 846 -7.09 -20.85 2.83
C LEU A 846 -7.05 -19.38 3.28
N LEU A 847 -8.20 -18.70 3.35
CA LEU A 847 -8.26 -17.31 3.85
C LEU A 847 -7.96 -17.28 5.35
N ALA A 848 -8.40 -18.27 6.10
CA ALA A 848 -8.03 -18.41 7.53
C ALA A 848 -6.50 -18.47 7.64
N PHE A 849 -5.83 -19.23 6.77
CA PHE A 849 -4.37 -19.30 6.78
C PHE A 849 -3.79 -17.92 6.46
N GLY A 850 -4.33 -17.23 5.44
CA GLY A 850 -3.77 -15.98 4.91
C GLY A 850 -3.75 -14.87 5.93
N VAL A 851 -4.82 -14.71 6.69
CA VAL A 851 -5.05 -13.54 7.60
C VAL A 851 -4.63 -13.89 9.02
N TYR A 852 -4.20 -15.12 9.31
CA TYR A 852 -3.69 -15.51 10.65
C TYR A 852 -2.56 -14.57 11.06
N PRO A 853 -2.49 -14.09 12.32
CA PRO A 853 -3.30 -14.58 13.44
C PRO A 853 -4.63 -13.86 13.75
N ASN A 854 -5.21 -13.16 12.79
CA ASN A 854 -6.53 -12.48 12.99
C ASN A 854 -7.66 -13.51 13.08
N VAL A 855 -7.87 -14.06 14.27
CA VAL A 855 -9.06 -14.88 14.64
C VAL A 855 -9.81 -14.11 15.70
N CYS A 856 -11.12 -14.31 15.82
CA CYS A 856 -11.89 -13.80 16.98
C CYS A 856 -13.08 -14.69 17.27
N TYR A 857 -13.71 -14.46 18.42
CA TYR A 857 -14.87 -15.21 18.96
C TYR A 857 -15.98 -14.19 19.22
N HIS A 858 -17.20 -14.47 18.81
CA HIS A 858 -18.34 -13.52 18.98
C HIS A 858 -19.06 -13.80 20.31
N LYS A 859 -19.24 -12.78 21.15
CA LYS A 859 -19.95 -12.92 22.45
C LYS A 859 -21.44 -12.69 22.19
N GLU A 860 -21.80 -11.45 21.83
CA GLU A 860 -23.17 -11.00 21.50
C GLU A 860 -23.06 -9.66 20.77
N LYS A 861 -24.11 -9.27 20.03
CA LYS A 861 -24.16 -7.96 19.32
C LYS A 861 -22.82 -7.78 18.59
N ARG A 862 -22.17 -6.63 18.70
CA ARG A 862 -20.93 -6.32 17.96
C ARG A 862 -19.70 -6.74 18.76
N LYS A 863 -19.84 -7.31 19.97
CA LYS A 863 -18.68 -7.61 20.85
C LYS A 863 -18.03 -8.92 20.43
N ILE A 864 -16.72 -8.87 20.17
CA ILE A 864 -15.90 -10.08 19.84
C ILE A 864 -14.72 -10.13 20.82
N LEU A 865 -14.18 -11.33 21.02
CA LEU A 865 -12.96 -11.56 21.83
C LEU A 865 -11.78 -11.78 20.88
N THR A 866 -10.68 -11.03 21.05
CA THR A 866 -9.48 -11.13 20.19
C THR A 866 -8.54 -12.22 20.73
N THR A 867 -7.44 -12.44 20.00
CA THR A 867 -6.33 -13.39 20.31
C THR A 867 -5.74 -13.07 21.69
N GLU A 868 -5.87 -11.82 22.16
CA GLU A 868 -5.20 -11.31 23.39
C GLU A 868 -6.10 -11.53 24.62
N GLY A 869 -7.24 -12.19 24.46
CA GLY A 869 -8.32 -12.30 25.47
C GLY A 869 -9.08 -10.99 25.63
N ARG A 870 -8.92 -10.05 24.69
CA ARG A 870 -9.41 -8.65 24.80
C ARG A 870 -10.73 -8.46 24.04
N ASN A 871 -11.53 -7.48 24.48
CA ASN A 871 -12.85 -7.13 23.87
C ASN A 871 -12.62 -6.19 22.68
N ALA A 872 -13.38 -6.42 21.61
CA ALA A 872 -13.29 -5.69 20.32
C ALA A 872 -14.66 -5.65 19.63
N LEU A 873 -14.81 -4.75 18.66
CA LEU A 873 -16.07 -4.51 17.91
C LEU A 873 -15.99 -5.10 16.49
N ILE A 874 -17.11 -5.64 15.99
CA ILE A 874 -17.35 -5.93 14.55
C ILE A 874 -17.42 -4.58 13.83
N HIS A 875 -16.62 -4.37 12.81
CA HIS A 875 -16.57 -3.09 12.05
C HIS A 875 -17.94 -2.82 11.40
N LYS A 876 -18.40 -1.56 11.42
CA LYS A 876 -19.68 -1.09 10.81
C LYS A 876 -19.80 -1.58 9.36
N SER A 877 -18.67 -1.68 8.66
CA SER A 877 -18.52 -2.05 7.24
C SER A 877 -19.02 -3.47 6.94
N SER A 878 -18.96 -4.38 7.91
CA SER A 878 -19.08 -5.84 7.67
C SER A 878 -20.53 -6.23 7.34
N VAL A 879 -20.69 -7.16 6.40
CA VAL A 879 -21.97 -7.89 6.22
C VAL A 879 -22.33 -8.58 7.55
N ASN A 880 -21.38 -8.73 8.48
CA ASN A 880 -21.64 -9.45 9.77
C ASN A 880 -22.03 -8.47 10.88
N CYS A 881 -21.89 -7.16 10.65
CA CYS A 881 -22.41 -6.12 11.56
C CYS A 881 -23.94 -6.12 11.50
N PRO A 882 -24.65 -6.26 12.64
CA PRO A 882 -26.12 -6.18 12.65
C PRO A 882 -26.59 -4.80 12.15
N PHE A 883 -27.36 -4.80 11.05
CA PHE A 883 -27.99 -3.61 10.39
C PHE A 883 -28.76 -2.77 11.42
N SER A 884 -29.43 -3.41 12.37
CA SER A 884 -30.23 -2.71 13.39
C SER A 884 -30.14 -3.46 14.73
N SER A 885 -31.30 -3.67 15.39
CA SER A 885 -31.46 -4.27 16.74
C SER A 885 -31.64 -5.80 16.64
N GLN A 886 -32.02 -6.30 15.46
CA GLN A 886 -32.00 -7.76 15.15
C GLN A 886 -30.57 -8.28 15.29
N ASP A 887 -30.32 -9.10 16.31
CA ASP A 887 -29.00 -9.76 16.54
C ASP A 887 -28.87 -10.90 15.53
N MET A 888 -27.66 -11.09 15.01
CA MET A 888 -27.34 -12.13 14.00
C MET A 888 -27.26 -13.47 14.73
N LYS A 889 -27.69 -14.54 14.07
CA LYS A 889 -27.62 -15.94 14.55
C LYS A 889 -26.50 -16.65 13.78
N TYR A 890 -25.26 -16.51 14.25
CA TYR A 890 -24.08 -17.11 13.60
C TYR A 890 -24.05 -18.60 13.92
N PRO A 891 -24.00 -19.48 12.91
CA PRO A 891 -23.92 -20.93 13.17
C PRO A 891 -22.58 -21.35 13.79
N SER A 892 -21.60 -20.44 13.81
CA SER A 892 -20.30 -20.59 14.50
C SER A 892 -19.92 -19.22 15.04
N PRO A 893 -19.27 -19.13 16.23
CA PRO A 893 -18.83 -17.84 16.77
C PRO A 893 -17.42 -17.41 16.34
N PHE A 894 -16.73 -18.22 15.53
CA PHE A 894 -15.36 -17.95 15.07
C PHE A 894 -15.36 -17.17 13.75
N PHE A 895 -14.55 -16.12 13.71
CA PHE A 895 -14.31 -15.26 12.51
C PHE A 895 -12.80 -15.05 12.34
N VAL A 896 -12.34 -15.14 11.09
CA VAL A 896 -11.00 -14.63 10.66
C VAL A 896 -11.27 -13.30 9.98
N PHE A 897 -10.31 -12.37 9.97
CA PHE A 897 -10.55 -11.01 9.43
C PHE A 897 -9.24 -10.44 8.85
N GLY A 898 -9.38 -9.50 7.92
CA GLY A 898 -8.23 -8.93 7.21
C GLY A 898 -7.39 -8.10 8.16
N GLU A 899 -8.03 -7.21 8.94
CA GLU A 899 -7.33 -6.18 9.75
C GLU A 899 -7.86 -6.15 11.19
N LYS A 900 -6.94 -6.11 12.16
CA LYS A 900 -7.25 -5.75 13.56
C LYS A 900 -6.84 -4.30 13.74
N ILE A 901 -7.81 -3.42 14.00
CA ILE A 901 -7.64 -1.94 13.91
C ILE A 901 -7.90 -1.30 15.26
N ARG A 902 -6.98 -0.42 15.68
CA ARG A 902 -7.06 0.39 16.92
C ARG A 902 -7.51 1.81 16.56
N THR A 903 -8.66 2.23 17.11
CA THR A 903 -9.15 3.62 17.14
C THR A 903 -9.38 3.99 18.62
N ARG A 904 -10.61 4.36 19.00
CA ARG A 904 -11.01 4.49 20.43
C ARG A 904 -11.29 3.10 21.00
N ALA A 905 -11.50 2.11 20.12
CA ALA A 905 -11.68 0.68 20.43
C ALA A 905 -10.89 -0.18 19.44
N ILE A 906 -10.97 -1.49 19.62
CA ILE A 906 -10.38 -2.52 18.70
C ILE A 906 -11.50 -3.05 17.80
N SER A 907 -11.25 -3.01 16.48
CA SER A 907 -12.22 -3.41 15.43
C SER A 907 -11.62 -4.53 14.58
N ALA A 908 -12.46 -5.49 14.19
CA ALA A 908 -12.18 -6.51 13.17
C ALA A 908 -12.91 -6.09 11.90
N LYS A 909 -12.12 -5.72 10.88
CA LYS A 909 -12.62 -5.32 9.55
C LYS A 909 -12.30 -6.43 8.55
N GLY A 910 -13.27 -6.72 7.66
CA GLY A 910 -13.20 -7.78 6.63
C GLY A 910 -13.32 -9.14 7.28
N MET A 911 -14.49 -9.48 7.81
CA MET A 911 -14.70 -10.66 8.66
C MET A 911 -15.33 -11.79 7.85
N THR A 912 -14.85 -13.01 8.07
CA THR A 912 -15.37 -14.25 7.47
C THR A 912 -15.53 -15.30 8.57
N LEU A 913 -16.75 -15.80 8.74
CA LEU A 913 -17.08 -16.91 9.67
C LEU A 913 -16.26 -18.13 9.26
N VAL A 914 -15.66 -18.83 10.22
CA VAL A 914 -15.01 -20.14 9.94
C VAL A 914 -15.54 -21.13 10.96
N THR A 915 -15.51 -22.41 10.63
CA THR A 915 -15.91 -23.49 11.56
C THR A 915 -14.76 -23.72 12.53
N PRO A 916 -15.05 -24.38 13.69
CA PRO A 916 -14.02 -24.78 14.63
C PRO A 916 -12.93 -25.66 14.00
N LEU A 917 -13.27 -26.44 12.96
CA LEU A 917 -12.29 -27.34 12.30
C LEU A 917 -11.30 -26.48 11.52
N GLN A 918 -11.76 -25.40 10.88
CA GLN A 918 -10.90 -24.49 10.09
C GLN A 918 -9.98 -23.69 11.02
N LEU A 919 -10.50 -23.26 12.17
CA LEU A 919 -9.71 -22.68 13.29
C LEU A 919 -8.49 -23.57 13.54
N LEU A 920 -8.70 -24.83 13.89
CA LEU A 920 -7.61 -25.79 14.24
C LEU A 920 -6.72 -26.01 13.02
N LEU A 921 -7.29 -26.08 11.82
CA LEU A 921 -6.50 -26.52 10.65
C LEU A 921 -5.52 -25.41 10.27
N PHE A 922 -5.99 -24.17 10.12
CA PHE A 922 -5.23 -23.08 9.47
C PHE A 922 -5.21 -21.79 10.28
N ALA A 923 -6.06 -21.61 11.30
CA ALA A 923 -6.13 -20.34 12.07
C ALA A 923 -5.55 -20.49 13.48
N SER A 924 -4.56 -21.37 13.68
CA SER A 924 -3.95 -21.59 15.01
C SER A 924 -2.53 -22.14 14.84
N LYS A 925 -1.60 -21.65 15.65
CA LYS A 925 -0.23 -22.22 15.74
C LYS A 925 -0.26 -23.23 16.88
N LYS A 926 -0.26 -22.77 18.13
CA LYS A 926 -0.07 -23.66 19.30
C LYS A 926 -1.44 -24.19 19.74
N VAL A 927 -1.58 -25.51 19.87
CA VAL A 927 -2.79 -26.15 20.47
C VAL A 927 -2.31 -27.20 21.50
N GLN A 928 -2.84 -27.10 22.73
CA GLN A 928 -2.56 -28.01 23.87
C GLN A 928 -3.83 -28.80 24.17
N SER A 929 -3.71 -30.07 24.59
CA SER A 929 -4.85 -30.94 24.97
C SER A 929 -4.66 -31.54 26.37
N ASP A 930 -5.71 -31.42 27.20
CA ASP A 930 -5.84 -32.10 28.51
C ASP A 930 -6.55 -33.44 28.33
N GLY A 931 -7.07 -33.73 27.12
CA GLY A 931 -7.67 -35.03 26.76
C GLY A 931 -9.16 -34.96 26.48
N GLN A 932 -9.86 -33.94 26.97
CA GLN A 932 -11.28 -33.67 26.60
C GLN A 932 -11.43 -32.24 26.04
N ILE A 933 -10.51 -31.35 26.44
CA ILE A 933 -10.52 -29.89 26.17
C ILE A 933 -9.21 -29.54 25.45
N VAL A 934 -9.27 -28.67 24.44
CA VAL A 934 -8.08 -28.16 23.70
C VAL A 934 -7.98 -26.65 23.95
N LEU A 935 -6.75 -26.15 24.16
CA LEU A 935 -6.45 -24.70 24.31
C LEU A 935 -5.72 -24.22 23.07
N VAL A 936 -6.36 -23.32 22.32
CA VAL A 936 -5.84 -22.79 21.03
C VAL A 936 -5.16 -21.44 21.29
N ASP A 937 -3.87 -21.32 20.96
CA ASP A 937 -3.05 -20.09 21.08
C ASP A 937 -3.37 -19.35 22.40
N ASP A 938 -3.55 -20.10 23.49
CA ASP A 938 -3.71 -19.60 24.88
C ASP A 938 -4.93 -18.69 25.08
N TRP A 939 -5.84 -18.55 24.10
CA TRP A 939 -6.91 -17.51 24.14
C TRP A 939 -8.32 -18.12 24.09
N ILE A 940 -8.51 -19.33 23.55
CA ILE A 940 -9.86 -19.98 23.50
C ILE A 940 -9.70 -21.49 23.65
N ARG A 941 -10.74 -22.13 24.18
CA ARG A 941 -10.80 -23.58 24.45
C ARG A 941 -11.92 -24.22 23.63
N LEU A 942 -11.64 -25.40 23.06
CA LEU A 942 -12.65 -26.26 22.39
C LEU A 942 -12.81 -27.56 23.19
N GLN A 943 -14.05 -27.97 23.45
CA GLN A 943 -14.40 -29.36 23.85
C GLN A 943 -14.49 -30.21 22.58
N ILE A 944 -13.45 -31.00 22.32
CA ILE A 944 -13.30 -31.78 21.06
C ILE A 944 -12.40 -32.98 21.37
N SER A 945 -12.67 -34.10 20.71
CA SER A 945 -11.81 -35.31 20.71
C SER A 945 -10.33 -34.90 20.70
N HIS A 946 -9.50 -35.51 21.55
CA HIS A 946 -8.03 -35.37 21.47
C HIS A 946 -7.55 -35.82 20.09
N GLU A 947 -8.14 -36.89 19.54
CA GLU A 947 -7.67 -37.56 18.31
C GLU A 947 -7.92 -36.66 17.09
N ALA A 948 -9.11 -36.07 16.97
CA ALA A 948 -9.47 -35.16 15.86
C ALA A 948 -8.50 -33.98 15.84
N ALA A 949 -8.39 -33.28 16.98
CA ALA A 949 -7.52 -32.09 17.19
C ALA A 949 -6.09 -32.39 16.74
N ALA A 950 -5.52 -33.52 17.17
CA ALA A 950 -4.13 -33.93 16.81
C ALA A 950 -4.07 -34.38 15.35
N CYS A 951 -5.11 -35.04 14.84
CA CYS A 951 -5.18 -35.47 13.43
C CYS A 951 -5.24 -34.24 12.51
N ILE A 952 -5.94 -33.20 12.93
CA ILE A 952 -6.15 -31.95 12.12
C ILE A 952 -4.86 -31.14 12.13
N THR A 953 -4.19 -31.07 13.29
CA THR A 953 -2.89 -30.41 13.45
C THR A 953 -1.85 -31.10 12.55
N ALA A 954 -1.92 -32.43 12.41
CA ALA A 954 -1.01 -33.23 11.56
C ALA A 954 -1.31 -32.97 10.08
N LEU A 955 -2.58 -32.81 9.70
CA LEU A 955 -2.96 -32.40 8.32
C LEU A 955 -2.25 -31.08 8.00
N ARG A 956 -2.35 -30.10 8.91
CA ARG A 956 -1.69 -28.79 8.74
C ARG A 956 -0.22 -29.03 8.39
N ALA A 957 0.44 -29.94 9.12
CA ALA A 957 1.90 -30.24 9.02
C ALA A 957 2.15 -30.96 7.71
N ALA A 958 1.31 -31.93 7.39
CA ALA A 958 1.34 -32.65 6.11
C ALA A 958 1.20 -31.67 4.93
N MET A 959 0.28 -30.71 5.04
CA MET A 959 -0.02 -29.69 3.99
C MET A 959 1.21 -28.79 3.77
N GLU A 960 1.86 -28.36 4.85
CA GLU A 960 3.14 -27.59 4.80
C GLU A 960 4.21 -28.33 4.01
N ALA A 961 4.38 -29.62 4.29
CA ALA A 961 5.38 -30.49 3.64
C ALA A 961 5.09 -30.54 2.13
N LEU A 962 3.82 -30.69 1.75
CA LEU A 962 3.46 -30.74 0.32
C LEU A 962 3.81 -29.39 -0.32
N VAL A 963 3.55 -28.27 0.37
CA VAL A 963 3.83 -26.92 -0.18
C VAL A 963 5.33 -26.83 -0.49
N VAL A 964 6.15 -27.28 0.45
CA VAL A 964 7.64 -27.35 0.28
C VAL A 964 7.94 -28.15 -1.00
N GLU A 965 7.42 -29.38 -1.12
CA GLU A 965 7.62 -30.25 -2.31
C GLU A 965 7.08 -29.57 -3.57
N VAL A 966 5.86 -29.03 -3.53
CA VAL A 966 5.26 -28.33 -4.71
C VAL A 966 6.18 -27.17 -5.15
N THR A 967 6.73 -26.36 -4.26
CA THR A 967 7.57 -25.18 -4.67
C THR A 967 8.88 -25.63 -5.34
N LYS A 968 9.38 -26.84 -5.03
CA LYS A 968 10.58 -27.42 -5.68
C LYS A 968 10.27 -27.71 -7.14
N GLN A 969 9.04 -28.16 -7.44
CA GLN A 969 8.59 -28.49 -8.81
C GLN A 969 7.08 -28.27 -8.92
N PRO A 970 6.62 -27.04 -9.22
CA PRO A 970 5.19 -26.72 -9.22
C PRO A 970 4.25 -27.57 -10.11
N ASN A 971 4.76 -28.15 -11.22
CA ASN A 971 3.91 -28.92 -12.17
C ASN A 971 3.44 -30.23 -11.52
N ILE A 972 3.98 -30.64 -10.37
CA ILE A 972 3.59 -31.93 -9.71
C ILE A 972 2.13 -31.88 -9.26
N ILE A 973 1.51 -30.70 -9.12
CA ILE A 973 0.10 -30.60 -8.63
C ILE A 973 -0.83 -31.29 -9.64
N SER A 974 -0.44 -31.34 -10.93
CA SER A 974 -1.14 -32.07 -12.03
C SER A 974 -1.26 -33.57 -11.73
N GLN A 975 -0.26 -34.15 -11.04
CA GLN A 975 -0.08 -35.62 -10.88
C GLN A 975 0.50 -35.92 -9.49
N LEU A 976 -0.32 -35.77 -8.45
CA LEU A 976 0.08 -36.00 -7.04
C LEU A 976 -0.05 -37.49 -6.72
N ASP A 977 0.91 -38.07 -6.00
CA ASP A 977 0.85 -39.47 -5.54
C ASP A 977 -0.42 -39.61 -4.70
N PRO A 978 -1.07 -40.79 -4.67
CA PRO A 978 -2.37 -40.97 -4.03
C PRO A 978 -2.49 -40.50 -2.56
N VAL A 979 -1.50 -40.79 -1.71
CA VAL A 979 -1.55 -40.43 -0.25
C VAL A 979 -1.71 -38.89 -0.12
N ASN A 980 -1.11 -38.11 -1.01
CA ASN A 980 -1.21 -36.62 -0.95
C ASN A 980 -2.58 -36.17 -1.47
N GLU A 981 -3.16 -36.85 -2.46
CA GLU A 981 -4.57 -36.54 -2.87
C GLU A 981 -5.51 -36.82 -1.69
N HIS A 982 -5.30 -37.89 -0.93
CA HIS A 982 -6.17 -38.26 0.23
C HIS A 982 -6.03 -37.19 1.31
N MET A 983 -4.82 -36.70 1.53
CA MET A 983 -4.50 -35.59 2.46
C MET A 983 -5.31 -34.34 2.06
N LEU A 984 -5.26 -33.95 0.79
CA LEU A 984 -6.02 -32.78 0.25
C LEU A 984 -7.54 -33.03 0.34
N ASN A 985 -8.03 -34.24 0.03
CA ASN A 985 -9.47 -34.60 0.10
C ASN A 985 -9.95 -34.47 1.55
N MET A 986 -9.11 -34.83 2.53
CA MET A 986 -9.45 -34.72 3.97
C MET A 986 -9.59 -33.23 4.33
N ILE A 987 -8.67 -32.37 3.87
CA ILE A 987 -8.78 -30.89 4.10
C ILE A 987 -10.06 -30.37 3.41
N ARG A 988 -10.31 -30.79 2.17
CA ARG A 988 -11.55 -30.45 1.44
C ARG A 988 -12.77 -30.81 2.30
N GLN A 989 -12.80 -32.01 2.90
CA GLN A 989 -13.94 -32.50 3.72
C GLN A 989 -14.11 -31.63 4.99
N ILE A 990 -13.03 -31.38 5.75
CA ILE A 990 -13.14 -30.59 7.01
C ILE A 990 -13.25 -29.09 6.73
N SER A 991 -13.24 -28.66 5.46
CA SER A 991 -13.58 -27.26 5.08
C SER A 991 -15.10 -27.11 5.01
N ARG A 992 -15.85 -28.21 4.95
CA ARG A 992 -17.32 -28.16 4.75
C ARG A 992 -17.98 -27.68 6.04
N PRO A 993 -19.02 -26.82 5.95
CA PRO A 993 -19.86 -26.51 7.09
C PRO A 993 -20.41 -27.81 7.72
N SER A 994 -20.86 -28.77 6.90
CA SER A 994 -21.48 -30.02 7.38
C SER A 994 -20.50 -30.78 8.30
N ALA A 995 -19.21 -30.75 7.97
CA ALA A 995 -18.13 -31.43 8.74
C ALA A 995 -18.18 -31.04 10.23
N ALA A 996 -18.61 -29.83 10.55
CA ALA A 996 -18.74 -29.30 11.93
C ALA A 996 -20.23 -29.15 12.33
N GLY A 997 -21.12 -29.93 11.71
CA GLY A 997 -22.55 -29.99 12.07
C GLY A 997 -23.31 -28.71 11.72
N ILE A 998 -22.81 -27.92 10.76
CA ILE A 998 -23.46 -26.64 10.31
C ILE A 998 -24.12 -26.86 8.95
N ASN A 999 -25.34 -26.34 8.78
CA ASN A 999 -26.01 -26.23 7.47
C ASN A 999 -26.41 -24.76 7.29
N LEU A 1000 -25.72 -24.06 6.39
CA LEU A 1000 -25.87 -22.59 6.19
C LEU A 1000 -27.21 -22.25 5.50
N MET A 1001 -27.95 -23.23 4.98
CA MET A 1001 -29.24 -22.99 4.27
C MET A 1001 -30.42 -22.90 5.26
N ILE A 1002 -30.28 -23.52 6.44
CA ILE A 1002 -31.24 -23.44 7.60
C ILE A 1002 -30.62 -22.51 8.65
N ASP A 1003 -31.28 -21.38 8.96
CA ASP A 1003 -30.73 -20.23 9.75
C ASP A 1003 -30.41 -20.65 11.20
C6 A1BKY B . 13.27 -0.96 -16.01
C7 A1BKY B . 13.08 0.00 -15.02
C8 A1BKY B . 11.82 0.17 -14.52
C10 A1BKY B . 10.74 -0.54 -15.02
N12 A1BKY B . 9.91 -2.28 -16.59
C13 A1BKY B . 8.62 -2.29 -16.21
C15 A1BKY B . 7.65 -3.10 -16.93
C17 A1BKY B . 6.68 -4.58 -18.42
C20 A1BKY B . 6.68 -5.54 -19.55
C21 A1BKY B . 5.57 -5.58 -20.43
C22 A1BKY B . 5.56 -6.47 -21.49
C24 A1BKY B . 7.74 -7.28 -20.85
C26 A1BKY B . 12.22 -1.68 -16.49
C1 A1BKY B . 15.44 -3.17 -14.89
S2 A1BKY B . 15.84 -1.62 -15.70
O3 A1BKY B . 16.84 -1.92 -16.69
O4 A1BKY B . 15.98 -0.51 -14.83
N5 A1BKY B . 14.52 -1.23 -16.58
BR9 A1BKY B . 11.49 1.42 -13.20
C11 A1BKY B . 10.93 -1.51 -16.00
O14 A1BKY B . 8.22 -1.62 -15.26
C16 A1BKY B . 7.84 -3.96 -17.96
C18 A1BKY B . 5.57 -4.18 -17.75
S19 A1BKY B . 5.97 -3.03 -16.54
C23 A1BKY B . 6.64 -7.31 -21.70
C25 A1BKY B . 7.76 -6.39 -19.78
PB ADP C . 9.09 20.60 -7.46
O1B ADP C . 10.35 21.43 -7.55
O2B ADP C . 8.36 20.77 -6.17
O3B ADP C . 9.33 19.16 -7.81
PA ADP C . 7.22 20.51 -9.71
O1A ADP C . 8.11 20.07 -10.82
O2A ADP C . 6.43 19.46 -9.02
O3A ADP C . 8.10 21.24 -8.59
O5' ADP C . 6.20 21.68 -10.19
C5' ADP C . 6.66 22.77 -11.03
C4' ADP C . 5.48 23.62 -11.44
O4' ADP C . 4.60 22.82 -12.28
C3' ADP C . 4.60 24.16 -10.30
O3' ADP C . 4.26 25.54 -10.44
C2' ADP C . 3.33 23.34 -10.39
O2' ADP C . 2.20 24.05 -9.96
C1' ADP C . 3.27 23.04 -11.89
N9 ADP C . 2.47 21.85 -12.18
C8 ADP C . 2.82 20.54 -12.00
N7 ADP C . 1.87 19.70 -12.31
C5 ADP C . 0.81 20.51 -12.71
C6 ADP C . -0.49 20.21 -13.17
N6 ADP C . -0.97 18.98 -13.28
N1 ADP C . -1.29 21.26 -13.48
C2 ADP C . -0.81 22.50 -13.35
N3 ADP C . 0.39 22.89 -12.94
C4 ADP C . 1.17 21.84 -12.62
MG MG D . 9.07 17.45 -6.65
C1 EDO E . -17.79 -21.93 6.26
O1 EDO E . -18.39 -20.90 5.50
C2 EDO E . -16.50 -22.36 5.66
O2 EDO E . -16.52 -23.52 4.87
C1 EDO F . 10.11 -4.69 -1.81
O1 EDO F . 9.56 -4.46 -3.09
C2 EDO F . 9.69 -3.67 -0.84
O2 EDO F . 8.30 -3.42 -0.86
C1 EDO G . -14.27 -21.22 -6.71
O1 EDO G . -12.90 -21.44 -6.38
C2 EDO G . -14.78 -19.92 -6.25
O2 EDO G . -14.57 -18.90 -7.21
C1 EDO H . -1.88 -1.84 -17.04
O1 EDO H . -2.83 -2.27 -16.08
C2 EDO H . -0.85 -2.86 -17.36
O2 EDO H . -0.61 -2.99 -18.75
C1 EDO I . -28.73 -0.65 16.60
O1 EDO I . -28.61 -1.20 17.88
C2 EDO I . -27.55 -0.95 15.74
O2 EDO I . -27.86 -1.01 14.37
C1 EDO J . 22.67 -14.03 -0.49
O1 EDO J . 21.78 -12.92 -0.57
C2 EDO J . 23.62 -14.15 -1.61
O2 EDO J . 24.78 -13.34 -1.47
C1 EDO K . -13.25 6.11 16.81
O1 EDO K . -13.99 5.26 17.66
C2 EDO K . -13.45 5.81 15.38
O2 EDO K . -13.66 4.43 15.15
C1 EDO L . -13.59 -7.85 1.29
O1 EDO L . -14.42 -6.70 1.10
C2 EDO L . -13.00 -7.92 2.65
O2 EDO L . -12.03 -6.93 2.90
S SO4 M . 5.07 -0.33 -4.95
O1 SO4 M . 5.91 0.61 -4.26
O2 SO4 M . 5.23 -1.64 -4.38
O3 SO4 M . 3.70 0.09 -4.81
O4 SO4 M . 5.44 -0.37 -6.34
S SO4 N . -22.26 -28.67 3.06
O1 SO4 N . -22.22 -27.99 4.32
O2 SO4 N . -21.40 -29.82 3.10
O3 SO4 N . -23.61 -29.10 2.79
O4 SO4 N . -21.83 -27.79 2.01
S SO4 O . -5.37 8.41 2.33
O1 SO4 O . -5.17 9.34 3.41
O2 SO4 O . -5.69 7.11 2.86
O3 SO4 O . -6.45 8.87 1.50
O4 SO4 O . -4.18 8.30 1.54
S SO4 P . -1.04 -21.40 10.94
O1 SO4 P . -0.35 -22.26 11.87
O2 SO4 P . -1.96 -20.56 11.65
O3 SO4 P . -0.09 -20.60 10.23
O4 SO4 P . -1.78 -22.22 10.00
S SO4 Q . -2.08 10.27 0.95
O1 SO4 Q . -0.88 11.04 0.83
O2 SO4 Q . -2.50 10.24 2.33
O3 SO4 Q . -3.13 10.84 0.14
O4 SO4 Q . -1.82 8.92 0.50
S SO4 R . -24.13 -16.52 -6.58
O1 SO4 R . -22.73 -16.24 -6.40
O2 SO4 R . -24.59 -17.34 -5.49
O3 SO4 R . -24.87 -15.29 -6.62
O4 SO4 R . -24.32 -17.24 -7.81
S SO4 S . 20.91 -10.59 12.78
O1 SO4 S . 21.34 -9.94 13.98
O2 SO4 S . 20.07 -11.71 13.10
O3 SO4 S . 20.16 -9.65 11.98
O4 SO4 S . 22.05 -11.04 12.03
S SO4 T . 10.09 23.26 1.02
O1 SO4 T . 10.38 22.56 -0.20
O2 SO4 T . 10.73 22.60 2.12
O3 SO4 T . 10.60 24.61 0.92
O4 SO4 T . 8.67 23.30 1.22
S SO4 U . 25.13 15.85 -23.58
O1 SO4 U . 25.46 17.23 -23.29
O2 SO4 U . 25.88 14.99 -22.70
O3 SO4 U . 23.72 15.64 -23.40
O4 SO4 U . 25.49 15.55 -24.95
S SO4 V . 3.81 -35.89 -4.41
O1 SO4 V . 4.66 -35.12 -3.53
O2 SO4 V . 4.25 -37.25 -4.43
O3 SO4 V . 2.45 -35.83 -3.94
O4 SO4 V . 3.88 -35.35 -5.73
CL CL W . 16.03 12.03 10.75
CL CL X . 8.67 28.19 -5.03
#